data_8HAD
#
_entry.id   8HAD
#
_cell.length_a   107.343
_cell.length_b   115.468
_cell.length_c   151.756
_cell.angle_alpha   90.000
_cell.angle_beta   90.000
_cell.angle_gamma   90.000
#
_symmetry.space_group_name_H-M   'I 21 21 21'
#
_entity_poly.entity_id   1
_entity_poly.type   'polypeptide(L)'
_entity_poly.pdbx_seq_one_letter_code
;MDDLDLPDPSLKNIIDQTTLQWVFVGGKGGVGKTTTSCCLGVQLAKSRTKVLLVSTDPAHNLSDAFCQKIGREPTPIHGF
DNLCAMEIDASQEAESEIEATDDNDVFGQMFNDLQNSIPGIDEAMSFSELMKQVQQLDFDVVVFDTAPTGHTLRLLSFPT
ILEKAFAKVWELKDRFGGLIGQATALMSGGNNPAAAQEQLLGKLEETRAVINKVNQAFQDPTKTTFVCVCIPEFLSIYET
ERLVQELSKYGIDSHNIVVNQVLFPEKDAEELSAWYEANGATLPKEAREICSKLLARKRMQDKYIGQCFDLYGDDFHVVL
MPLLDYEVRGVEKLKTFSELLVDPVDMDE
;
_entity_poly.pdbx_strand_id   A,B
#
# COMPACT_ATOMS: atom_id res chain seq x y z
N ASP A 5 45.58 -7.62 6.78
CA ASP A 5 44.92 -8.85 6.35
C ASP A 5 43.41 -8.68 6.33
N LEU A 6 42.79 -9.00 5.19
CA LEU A 6 41.36 -8.85 5.00
C LEU A 6 40.89 -9.95 4.06
N PRO A 7 39.59 -10.26 4.07
CA PRO A 7 39.05 -11.18 3.06
C PRO A 7 39.30 -10.65 1.65
N ASP A 8 39.28 -11.57 0.69
CA ASP A 8 39.62 -11.20 -0.68
C ASP A 8 38.61 -10.19 -1.21
N PRO A 9 39.06 -9.07 -1.79
CA PRO A 9 38.14 -8.04 -2.31
C PRO A 9 37.49 -8.45 -3.62
N SER A 10 36.77 -9.57 -3.60
CA SER A 10 36.10 -10.08 -4.78
C SER A 10 34.93 -10.95 -4.36
N LEU A 11 34.01 -11.17 -5.30
CA LEU A 11 32.87 -12.06 -5.10
C LEU A 11 33.19 -13.49 -5.49
N LYS A 12 34.47 -13.87 -5.48
CA LYS A 12 34.85 -15.22 -5.87
C LYS A 12 34.34 -16.27 -4.88
N ASN A 13 34.12 -15.87 -3.62
CA ASN A 13 33.55 -16.80 -2.65
C ASN A 13 32.13 -17.22 -3.04
N ILE A 14 31.41 -16.38 -3.78
CA ILE A 14 30.09 -16.76 -4.27
C ILE A 14 30.22 -17.89 -5.29
N ILE A 15 31.17 -17.78 -6.21
CA ILE A 15 31.36 -18.83 -7.21
C ILE A 15 31.93 -20.09 -6.56
N ASP A 16 32.75 -19.93 -5.52
CA ASP A 16 33.37 -21.09 -4.87
C ASP A 16 32.33 -21.91 -4.11
N GLN A 17 31.43 -21.26 -3.40
CA GLN A 17 30.39 -21.97 -2.66
C GLN A 17 29.41 -22.60 -3.62
N THR A 18 29.69 -23.85 -4.03
CA THR A 18 28.89 -24.53 -5.04
C THR A 18 27.51 -24.91 -4.54
N THR A 19 27.26 -24.86 -3.24
CA THR A 19 25.97 -25.24 -2.68
C THR A 19 24.95 -24.11 -2.71
N LEU A 20 25.34 -22.90 -3.11
CA LEU A 20 24.42 -21.78 -3.11
C LEU A 20 23.31 -22.00 -4.14
N GLN A 21 22.07 -21.74 -3.72
CA GLN A 21 20.92 -21.84 -4.59
C GLN A 21 20.18 -20.52 -4.76
N TRP A 22 20.28 -19.61 -3.80
CA TRP A 22 19.66 -18.29 -3.87
C TRP A 22 20.72 -17.25 -3.55
N VAL A 23 20.99 -16.36 -4.51
CA VAL A 23 21.92 -15.26 -4.31
C VAL A 23 21.14 -13.97 -4.51
N PHE A 24 20.87 -13.26 -3.42
CA PHE A 24 20.11 -12.02 -3.46
C PHE A 24 21.04 -10.82 -3.56
N VAL A 25 20.65 -9.85 -4.38
CA VAL A 25 21.39 -8.61 -4.54
C VAL A 25 20.46 -7.46 -4.17
N GLY A 26 20.83 -6.74 -3.10
CA GLY A 26 20.02 -5.64 -2.61
C GLY A 26 20.83 -4.37 -2.49
N GLY A 27 20.14 -3.31 -2.14
CA GLY A 27 20.77 -2.00 -2.01
C GLY A 27 19.80 -0.91 -2.39
N LYS A 28 20.31 0.32 -2.30
CA LYS A 28 19.52 1.49 -2.66
C LYS A 28 19.44 1.62 -4.18
N GLY A 29 18.48 2.41 -4.64
CA GLY A 29 18.30 2.59 -6.07
C GLY A 29 19.45 3.38 -6.68
N GLY A 30 19.91 2.93 -7.84
CA GLY A 30 20.94 3.61 -8.59
C GLY A 30 22.36 3.25 -8.20
N VAL A 31 22.56 2.30 -7.29
CA VAL A 31 23.90 1.90 -6.88
C VAL A 31 24.48 0.79 -7.74
N GLY A 32 23.69 0.24 -8.66
CA GLY A 32 24.16 -0.84 -9.51
C GLY A 32 23.66 -2.22 -9.15
N LYS A 33 22.47 -2.35 -8.56
CA LYS A 33 21.95 -3.67 -8.23
C LYS A 33 21.79 -4.54 -9.47
N THR A 34 21.19 -3.97 -10.53
CA THR A 34 20.97 -4.73 -11.75
C THR A 34 22.29 -5.15 -12.40
N THR A 35 23.25 -4.22 -12.46
CA THR A 35 24.54 -4.53 -13.06
C THR A 35 25.26 -5.65 -12.31
N THR A 36 25.30 -5.54 -10.98
CA THR A 36 25.96 -6.57 -10.18
C THR A 36 25.25 -7.91 -10.31
N SER A 37 23.91 -7.89 -10.36
CA SER A 37 23.16 -9.13 -10.52
C SER A 37 23.45 -9.79 -11.86
N CYS A 38 23.46 -9.00 -12.93
CA CYS A 38 23.75 -9.56 -14.25
C CYS A 38 25.17 -10.08 -14.33
N CYS A 39 26.13 -9.38 -13.71
CA CYS A 39 27.50 -9.87 -13.73
C CYS A 39 27.66 -11.15 -12.92
N LEU A 40 26.98 -11.25 -11.78
CA LEU A 40 27.00 -12.48 -11.01
C LEU A 40 26.38 -13.62 -11.79
N GLY A 41 25.30 -13.35 -12.52
CA GLY A 41 24.71 -14.38 -13.36
C GLY A 41 25.63 -14.85 -14.46
N VAL A 42 26.30 -13.89 -15.13
CA VAL A 42 27.24 -14.23 -16.18
C VAL A 42 28.38 -15.09 -15.62
N GLN A 43 28.88 -14.74 -14.44
CA GLN A 43 29.99 -15.50 -13.87
C GLN A 43 29.54 -16.88 -13.39
N LEU A 44 28.34 -16.98 -12.82
CA LEU A 44 27.83 -18.28 -12.39
C LEU A 44 27.51 -19.17 -13.58
N ALA A 45 27.21 -18.58 -14.74
CA ALA A 45 26.94 -19.37 -15.93
C ALA A 45 28.14 -20.20 -16.34
N LYS A 46 29.34 -19.84 -15.91
CA LYS A 46 30.54 -20.60 -16.22
C LYS A 46 30.62 -21.87 -15.40
N SER A 47 30.52 -21.75 -14.07
CA SER A 47 30.71 -22.90 -13.19
C SER A 47 29.44 -23.74 -13.06
N ARG A 48 28.27 -23.12 -13.12
CA ARG A 48 27.03 -23.83 -12.88
C ARG A 48 26.42 -24.35 -14.18
N THR A 49 25.65 -25.44 -14.06
CA THR A 49 25.05 -26.06 -15.23
C THR A 49 23.92 -25.23 -15.80
N LYS A 50 23.11 -24.60 -14.94
CA LYS A 50 22.01 -23.75 -15.36
C LYS A 50 21.85 -22.62 -14.36
N VAL A 51 21.73 -21.39 -14.87
CA VAL A 51 21.67 -20.19 -14.03
C VAL A 51 20.45 -19.36 -14.43
N LEU A 52 19.70 -18.90 -13.43
CA LEU A 52 18.50 -18.09 -13.67
C LEU A 52 18.65 -16.75 -12.96
N LEU A 53 18.22 -15.69 -13.62
CA LEU A 53 18.18 -14.34 -13.06
C LEU A 53 16.73 -13.91 -12.93
N VAL A 54 16.36 -13.43 -11.74
CA VAL A 54 14.99 -13.04 -11.43
C VAL A 54 15.02 -11.59 -10.97
N SER A 55 14.23 -10.74 -11.63
CA SER A 55 14.20 -9.31 -11.32
C SER A 55 12.84 -8.96 -10.72
N THR A 56 12.85 -8.54 -9.45
CA THR A 56 11.67 -8.00 -8.78
C THR A 56 11.70 -6.47 -8.75
N ASP A 57 12.70 -5.87 -9.38
CA ASP A 57 12.75 -4.42 -9.51
C ASP A 57 11.54 -3.94 -10.30
N PRO A 58 10.75 -2.99 -9.78
CA PRO A 58 9.55 -2.55 -10.51
C PRO A 58 9.81 -2.17 -11.96
N ALA A 59 10.88 -1.43 -12.24
CA ALA A 59 11.18 -1.03 -13.61
C ALA A 59 11.60 -2.25 -14.43
N HIS A 60 11.81 -2.02 -15.73
CA HIS A 60 12.27 -3.07 -16.64
C HIS A 60 13.75 -2.89 -16.95
N ASN A 61 14.54 -2.72 -15.89
CA ASN A 61 15.97 -2.43 -16.04
C ASN A 61 16.76 -3.60 -16.60
N LEU A 62 16.25 -4.83 -16.50
CA LEU A 62 16.98 -5.97 -17.02
C LEU A 62 17.12 -5.90 -18.54
N SER A 63 16.07 -5.44 -19.22
CA SER A 63 16.12 -5.33 -20.67
C SER A 63 17.15 -4.30 -21.10
N ASP A 64 17.16 -3.14 -20.44
CA ASP A 64 18.17 -2.12 -20.75
C ASP A 64 19.57 -2.59 -20.40
N ALA A 65 19.71 -3.39 -19.35
CA ALA A 65 21.02 -3.89 -18.95
C ALA A 65 21.57 -4.85 -19.99
N PHE A 66 20.79 -5.86 -20.36
CA PHE A 66 21.24 -6.84 -21.34
C PHE A 66 21.12 -6.36 -22.78
N CYS A 67 20.58 -5.15 -23.00
CA CYS A 67 20.32 -4.63 -24.35
C CYS A 67 19.56 -5.66 -25.18
N GLN A 68 18.44 -6.13 -24.63
CA GLN A 68 17.68 -7.22 -25.21
C GLN A 68 16.37 -7.35 -24.46
N LYS A 69 15.29 -7.57 -25.20
CA LYS A 69 13.97 -7.71 -24.59
C LYS A 69 13.91 -9.00 -23.77
N ILE A 70 13.58 -8.88 -22.49
CA ILE A 70 13.47 -10.00 -21.56
C ILE A 70 12.01 -10.13 -21.16
N GLY A 71 11.48 -11.36 -21.28
CA GLY A 71 10.06 -11.58 -21.07
C GLY A 71 9.71 -11.88 -19.61
N ARG A 72 8.40 -11.93 -19.34
CA ARG A 72 7.91 -12.17 -17.99
C ARG A 72 8.21 -13.58 -17.52
N GLU A 73 8.52 -14.49 -18.44
CA GLU A 73 8.96 -15.84 -18.14
C GLU A 73 10.41 -15.99 -18.59
N PRO A 74 11.10 -17.05 -18.16
CA PRO A 74 12.52 -17.17 -18.49
C PRO A 74 12.80 -17.02 -19.98
N THR A 75 13.78 -16.19 -20.28
CA THR A 75 14.19 -15.90 -21.65
C THR A 75 15.69 -16.15 -21.73
N PRO A 76 16.12 -17.18 -22.45
CA PRO A 76 17.56 -17.49 -22.50
C PRO A 76 18.34 -16.27 -22.95
N ILE A 77 19.42 -15.97 -22.22
CA ILE A 77 20.21 -14.79 -22.54
C ILE A 77 21.00 -15.05 -23.81
N HIS A 78 20.85 -14.15 -24.78
CA HIS A 78 21.58 -14.25 -26.04
C HIS A 78 23.07 -14.39 -25.78
N GLY A 79 23.69 -15.37 -26.43
CA GLY A 79 25.11 -15.60 -26.31
C GLY A 79 25.54 -16.50 -25.18
N PHE A 80 24.60 -16.99 -24.37
CA PHE A 80 24.91 -17.88 -23.27
C PHE A 80 24.09 -19.15 -23.39
N ASP A 81 24.70 -20.27 -23.00
CA ASP A 81 24.06 -21.57 -23.10
C ASP A 81 23.25 -21.95 -21.88
N ASN A 82 23.53 -21.34 -20.73
CA ASN A 82 22.89 -21.78 -19.49
C ASN A 82 22.42 -20.60 -18.62
N LEU A 83 22.18 -19.44 -19.21
CA LEU A 83 21.80 -18.25 -18.47
C LEU A 83 20.45 -17.75 -18.99
N CYS A 84 19.43 -17.80 -18.14
CA CYS A 84 18.10 -17.31 -18.47
C CYS A 84 17.77 -16.13 -17.57
N ALA A 85 16.91 -15.23 -18.06
CA ALA A 85 16.51 -14.06 -17.30
C ALA A 85 15.00 -13.96 -17.26
N MET A 86 14.49 -13.25 -16.26
CA MET A 86 13.05 -13.12 -16.08
C MET A 86 12.74 -11.83 -15.32
N GLU A 87 11.73 -11.11 -15.80
CA GLU A 87 11.25 -9.86 -15.21
C GLU A 87 9.81 -10.07 -14.78
N ILE A 88 9.49 -9.68 -13.55
CA ILE A 88 8.17 -9.91 -12.96
C ILE A 88 7.47 -8.58 -12.75
N ASP A 89 6.19 -8.53 -13.13
CA ASP A 89 5.38 -7.33 -12.98
C ASP A 89 4.85 -7.21 -11.55
N ASN A 104 -22.45 -9.67 -4.81
CA ASN A 104 -21.26 -9.84 -5.64
C ASN A 104 -20.49 -11.09 -5.26
N ASP A 105 -19.17 -10.95 -5.21
CA ASP A 105 -18.25 -12.05 -4.90
C ASP A 105 -17.94 -12.02 -3.41
N VAL A 106 -18.47 -12.98 -2.66
CA VAL A 106 -18.23 -13.01 -1.22
C VAL A 106 -16.77 -13.27 -0.91
N PHE A 107 -16.17 -14.24 -1.61
CA PHE A 107 -14.75 -14.52 -1.42
C PHE A 107 -13.90 -13.30 -1.77
N GLY A 108 -14.23 -12.63 -2.87
CA GLY A 108 -13.50 -11.43 -3.24
C GLY A 108 -13.63 -10.33 -2.20
N GLN A 109 -14.83 -10.18 -1.62
CA GLN A 109 -15.04 -9.16 -0.61
C GLN A 109 -14.24 -9.47 0.65
N MET A 110 -14.21 -10.74 1.08
CA MET A 110 -13.42 -11.09 2.25
C MET A 110 -11.93 -10.93 1.98
N PHE A 111 -11.49 -11.26 0.76
CA PHE A 111 -10.09 -11.07 0.39
C PHE A 111 -9.72 -9.59 0.39
N ASN A 112 -10.63 -8.73 -0.06
CA ASN A 112 -10.38 -7.29 -0.03
C ASN A 112 -10.35 -6.76 1.41
N ASP A 113 -11.22 -7.30 2.27
CA ASP A 113 -11.17 -6.93 3.68
C ASP A 113 -9.84 -7.34 4.30
N LEU A 114 -9.32 -8.50 3.90
CA LEU A 114 -8.01 -8.94 4.41
C LEU A 114 -6.90 -8.04 3.89
N GLN A 115 -6.94 -7.68 2.61
CA GLN A 115 -5.94 -6.79 2.04
C GLN A 115 -5.96 -5.42 2.71
N ASN A 116 -7.16 -4.91 3.02
CA ASN A 116 -7.25 -3.61 3.67
C ASN A 116 -6.83 -3.69 5.13
N SER A 117 -7.11 -4.80 5.80
CA SER A 117 -6.73 -4.92 7.21
C SER A 117 -5.26 -5.27 7.37
N ILE A 118 -4.72 -6.10 6.49
CA ILE A 118 -3.32 -6.53 6.56
C ILE A 118 -2.60 -6.06 5.31
N PRO A 119 -2.01 -4.86 5.31
CA PRO A 119 -1.26 -4.40 4.13
C PRO A 119 0.01 -5.23 3.94
N GLY A 120 0.18 -5.73 2.73
CA GLY A 120 1.33 -6.55 2.38
C GLY A 120 1.02 -8.01 2.12
N ILE A 121 -0.22 -8.44 2.35
CA ILE A 121 -0.56 -9.84 2.12
C ILE A 121 -0.57 -10.17 0.63
N ASP A 122 -0.98 -9.22 -0.21
CA ASP A 122 -0.97 -9.45 -1.66
C ASP A 122 0.45 -9.62 -2.19
N GLU A 123 1.37 -8.79 -1.70
CA GLU A 123 2.79 -8.96 -2.05
C GLU A 123 3.30 -10.32 -1.58
N ALA A 124 2.87 -10.75 -0.40
CA ALA A 124 3.29 -12.06 0.11
C ALA A 124 2.80 -13.18 -0.80
N MET A 125 1.54 -13.11 -1.25
CA MET A 125 1.02 -14.15 -2.12
C MET A 125 1.69 -14.13 -3.49
N SER A 126 1.96 -12.93 -4.02
CA SER A 126 2.67 -12.84 -5.29
C SER A 126 4.08 -13.42 -5.17
N PHE A 127 4.77 -13.14 -4.07
CA PHE A 127 6.10 -13.69 -3.85
C PHE A 127 6.04 -15.21 -3.69
N SER A 128 4.97 -15.72 -3.05
CA SER A 128 4.79 -17.16 -2.93
C SER A 128 4.64 -17.80 -4.30
N GLU A 129 3.80 -17.22 -5.16
CA GLU A 129 3.64 -17.74 -6.51
C GLU A 129 4.95 -17.69 -7.28
N LEU A 130 5.69 -16.59 -7.16
CA LEU A 130 6.98 -16.47 -7.85
C LEU A 130 7.96 -17.53 -7.37
N MET A 131 8.02 -17.76 -6.06
CA MET A 131 8.94 -18.76 -5.52
C MET A 131 8.56 -20.16 -5.94
N LYS A 132 7.27 -20.47 -5.96
CA LYS A 132 6.82 -21.78 -6.44
C LYS A 132 7.19 -21.98 -7.90
N GLN A 133 6.96 -20.95 -8.73
CA GLN A 133 7.31 -21.05 -10.14
C GLN A 133 8.81 -21.24 -10.34
N VAL A 134 9.62 -20.52 -9.57
CA VAL A 134 11.07 -20.63 -9.72
C VAL A 134 11.56 -22.00 -9.25
N GLN A 135 11.03 -22.48 -8.13
CA GLN A 135 11.42 -23.80 -7.63
C GLN A 135 10.94 -24.92 -8.55
N GLN A 136 9.90 -24.68 -9.34
CA GLN A 136 9.47 -25.68 -10.32
C GLN A 136 10.21 -25.55 -11.65
N LEU A 137 10.81 -24.38 -11.92
CA LEU A 137 11.62 -24.23 -13.13
C LEU A 137 12.91 -25.05 -13.06
N ASP A 138 13.34 -25.44 -11.87
CA ASP A 138 14.51 -26.30 -11.68
C ASP A 138 15.78 -25.69 -12.25
N PHE A 139 16.44 -24.84 -11.48
CA PHE A 139 17.73 -24.27 -11.84
C PHE A 139 18.75 -24.56 -10.74
N ASP A 140 20.03 -24.48 -11.11
CA ASP A 140 21.09 -24.75 -10.15
C ASP A 140 21.33 -23.57 -9.22
N VAL A 141 21.24 -22.35 -9.75
CA VAL A 141 21.42 -21.15 -8.94
C VAL A 141 20.57 -20.03 -9.53
N VAL A 142 19.94 -19.27 -8.65
CA VAL A 142 19.09 -18.14 -9.02
C VAL A 142 19.65 -16.89 -8.38
N VAL A 143 19.95 -15.89 -9.20
CA VAL A 143 20.33 -14.56 -8.73
C VAL A 143 19.07 -13.71 -8.70
N PHE A 144 18.98 -12.83 -7.69
CA PHE A 144 17.72 -12.15 -7.37
C PHE A 144 17.98 -10.66 -7.27
N ASP A 145 17.72 -9.94 -8.37
CA ASP A 145 17.79 -8.48 -8.36
C ASP A 145 16.54 -7.95 -7.67
N THR A 146 16.68 -7.64 -6.38
CA THR A 146 15.54 -7.21 -5.58
C THR A 146 15.21 -5.74 -5.83
N ALA A 147 14.05 -5.33 -5.34
CA ALA A 147 13.64 -3.93 -5.33
C ALA A 147 14.53 -3.16 -4.35
N PRO A 148 14.42 -1.81 -4.32
CA PRO A 148 15.14 -1.03 -3.31
C PRO A 148 14.95 -1.55 -1.88
N THR A 149 15.84 -1.12 -0.98
CA THR A 149 15.99 -1.76 0.33
C THR A 149 14.68 -1.89 1.09
N GLY A 150 13.83 -0.86 1.06
CA GLY A 150 12.60 -0.91 1.84
C GLY A 150 11.71 -2.07 1.45
N HIS A 151 11.58 -2.33 0.15
CA HIS A 151 10.71 -3.40 -0.31
C HIS A 151 11.30 -4.77 -0.01
N THR A 152 12.63 -4.89 -0.01
CA THR A 152 13.24 -6.13 0.45
C THR A 152 13.01 -6.33 1.95
N LEU A 153 13.04 -5.23 2.72
CA LEU A 153 12.74 -5.33 4.15
C LEU A 153 11.29 -5.76 4.36
N ARG A 154 10.40 -5.31 3.50
CA ARG A 154 9.02 -5.81 3.54
C ARG A 154 8.97 -7.29 3.16
N LEU A 155 9.72 -7.68 2.13
CA LEU A 155 9.85 -9.08 1.74
C LEU A 155 10.30 -9.98 2.90
N LEU A 156 11.11 -9.45 3.81
CA LEU A 156 11.65 -10.31 4.87
C LEU A 156 10.61 -10.64 5.95
N SER A 157 9.63 -9.77 6.18
CA SER A 157 8.64 -9.96 7.23
C SER A 157 7.42 -10.76 6.79
N PHE A 158 7.43 -11.28 5.56
CA PHE A 158 6.29 -12.04 5.04
C PHE A 158 5.71 -13.10 5.98
N PRO A 159 6.50 -13.94 6.66
CA PRO A 159 5.87 -14.94 7.55
C PRO A 159 5.02 -14.32 8.64
N THR A 160 5.51 -13.24 9.25
CA THR A 160 4.74 -12.57 10.29
C THR A 160 3.45 -11.99 9.71
N ILE A 161 3.51 -11.49 8.48
CA ILE A 161 2.33 -10.94 7.83
C ILE A 161 1.31 -12.04 7.53
N LEU A 162 1.78 -13.22 7.12
CA LEU A 162 0.87 -14.33 6.89
C LEU A 162 0.23 -14.79 8.19
N GLU A 163 0.99 -14.81 9.28
CA GLU A 163 0.41 -15.19 10.56
C GLU A 163 -0.63 -14.15 11.02
N LYS A 164 -0.34 -12.87 10.81
CA LYS A 164 -1.31 -11.83 11.16
C LYS A 164 -2.57 -11.93 10.29
N ALA A 165 -2.41 -12.31 9.02
CA ALA A 165 -3.58 -12.51 8.16
C ALA A 165 -4.40 -13.70 8.63
N PHE A 166 -3.75 -14.80 9.00
CA PHE A 166 -4.45 -15.94 9.58
C PHE A 166 -5.22 -15.53 10.83
N ALA A 167 -4.58 -14.76 11.70
CA ALA A 167 -5.23 -14.36 12.94
C ALA A 167 -6.38 -13.39 12.67
N LYS A 168 -6.27 -12.56 11.63
CA LYS A 168 -7.38 -11.68 11.27
C LYS A 168 -8.56 -12.48 10.74
N VAL A 169 -8.30 -13.48 9.89
CA VAL A 169 -9.39 -14.31 9.38
C VAL A 169 -10.06 -15.06 10.53
N TRP A 170 -9.26 -15.59 11.47
CA TRP A 170 -9.83 -16.31 12.60
C TRP A 170 -10.60 -15.38 13.53
N GLU A 171 -10.11 -14.15 13.74
CA GLU A 171 -10.83 -13.18 14.55
C GLU A 171 -12.17 -12.83 13.93
N LEU A 172 -12.18 -12.57 12.61
CA LEU A 172 -13.44 -12.29 11.93
C LEU A 172 -14.39 -13.47 12.01
N LYS A 173 -13.86 -14.69 11.82
CA LYS A 173 -14.68 -15.89 11.94
C LYS A 173 -15.31 -15.98 13.32
N ASP A 174 -14.49 -15.84 14.37
CA ASP A 174 -15.01 -15.93 15.73
C ASP A 174 -16.08 -14.87 15.99
N ARG A 175 -15.83 -13.64 15.55
CA ARG A 175 -16.74 -12.55 15.89
C ARG A 175 -18.05 -12.62 15.11
N PHE A 176 -17.99 -12.95 13.82
CA PHE A 176 -19.18 -12.94 12.97
C PHE A 176 -19.62 -14.34 12.54
N GLY A 177 -19.29 -15.37 13.30
CA GLY A 177 -19.77 -16.71 12.98
C GLY A 177 -21.28 -16.81 12.95
N GLY A 178 -21.96 -16.14 13.89
CA GLY A 178 -23.41 -16.15 13.89
C GLY A 178 -23.99 -15.59 12.60
N LEU A 179 -23.55 -14.39 12.21
CA LEU A 179 -24.04 -13.78 10.98
C LEU A 179 -23.66 -14.62 9.76
N ILE A 180 -22.46 -15.18 9.75
CA ILE A 180 -22.01 -15.94 8.59
C ILE A 180 -22.83 -17.21 8.42
N GLY A 181 -23.12 -17.90 9.53
CA GLY A 181 -23.97 -19.08 9.43
C GLY A 181 -25.42 -18.75 9.10
N GLN A 182 -25.93 -17.65 9.66
CA GLN A 182 -27.30 -17.25 9.37
C GLN A 182 -27.47 -16.88 7.91
N ALA A 183 -26.42 -16.32 7.28
CA ALA A 183 -26.49 -16.04 5.86
C ALA A 183 -26.19 -17.28 5.02
N THR A 184 -25.36 -18.20 5.54
CA THR A 184 -25.14 -19.48 4.89
C THR A 184 -26.45 -20.24 4.72
N ALA A 185 -27.33 -20.14 5.73
CA ALA A 185 -28.64 -20.77 5.63
C ALA A 185 -29.41 -20.26 4.41
N LEU A 186 -29.19 -19.01 4.01
CA LEU A 186 -29.98 -18.39 2.94
C LEU A 186 -29.45 -18.73 1.55
N MET A 187 -28.25 -18.25 1.23
CA MET A 187 -27.73 -18.29 -0.13
C MET A 187 -27.36 -19.71 -0.55
N SER A 188 -27.46 -19.97 -1.86
CA SER A 188 -27.28 -21.29 -2.45
C SER A 188 -25.97 -21.40 -3.23
N GLY A 189 -25.72 -22.64 -3.67
CA GLY A 189 -24.63 -22.90 -4.59
C GLY A 189 -23.27 -22.56 -4.03
N GLY A 190 -22.46 -21.90 -4.85
CA GLY A 190 -21.09 -21.56 -4.51
C GLY A 190 -20.95 -20.13 -4.03
N ASN A 191 -21.78 -19.73 -3.06
CA ASN A 191 -21.68 -18.40 -2.46
C ASN A 191 -21.86 -18.47 -0.96
N ASN A 192 -21.51 -19.61 -0.37
CA ASN A 192 -21.57 -19.77 1.09
C ASN A 192 -20.51 -18.90 1.74
N PRO A 193 -20.88 -17.98 2.63
CA PRO A 193 -19.85 -17.18 3.31
C PRO A 193 -18.91 -18.01 4.17
N ALA A 194 -19.40 -19.12 4.73
CA ALA A 194 -18.54 -19.97 5.54
C ALA A 194 -17.59 -20.79 4.66
N ALA A 195 -18.10 -21.31 3.56
CA ALA A 195 -17.24 -22.00 2.60
C ALA A 195 -16.23 -21.02 2.01
N ALA A 196 -16.63 -19.77 1.76
CA ALA A 196 -15.69 -18.78 1.25
C ALA A 196 -14.62 -18.45 2.28
N GLN A 197 -15.00 -18.36 3.56
CA GLN A 197 -14.00 -18.12 4.61
C GLN A 197 -13.03 -19.28 4.73
N GLU A 198 -13.54 -20.52 4.61
CA GLU A 198 -12.66 -21.68 4.65
C GLU A 198 -11.75 -21.72 3.43
N GLN A 199 -12.26 -21.28 2.28
CA GLN A 199 -11.43 -21.20 1.07
C GLN A 199 -10.34 -20.16 1.23
N LEU A 200 -10.65 -19.03 1.86
CA LEU A 200 -9.64 -18.03 2.14
C LEU A 200 -8.58 -18.56 3.10
N LEU A 201 -9.01 -19.30 4.13
CA LEU A 201 -8.06 -19.94 5.04
C LEU A 201 -7.17 -20.94 4.29
N GLY A 202 -7.76 -21.70 3.35
CA GLY A 202 -6.96 -22.66 2.60
C GLY A 202 -5.95 -21.99 1.68
N LYS A 203 -6.34 -20.87 1.06
CA LYS A 203 -5.40 -20.11 0.24
C LYS A 203 -4.27 -19.54 1.10
N LEU A 204 -4.61 -19.00 2.27
CA LEU A 204 -3.59 -18.55 3.21
C LEU A 204 -2.66 -19.68 3.62
N GLU A 205 -3.20 -20.88 3.81
CA GLU A 205 -2.37 -22.02 4.21
C GLU A 205 -1.42 -22.43 3.09
N GLU A 206 -1.93 -22.46 1.85
CA GLU A 206 -1.07 -22.73 0.70
C GLU A 206 0.08 -21.74 0.63
N THR A 207 -0.24 -20.44 0.70
CA THR A 207 0.78 -19.40 0.65
C THR A 207 1.77 -19.54 1.80
N ARG A 208 1.27 -19.82 3.00
CA ARG A 208 2.14 -19.91 4.17
C ARG A 208 3.05 -21.13 4.08
N ALA A 209 2.57 -22.24 3.53
CA ALA A 209 3.44 -23.40 3.38
C ALA A 209 4.54 -23.14 2.36
N VAL A 210 4.18 -22.54 1.22
CA VAL A 210 5.20 -22.20 0.23
C VAL A 210 6.24 -21.26 0.83
N ILE A 211 5.79 -20.21 1.52
CA ILE A 211 6.72 -19.23 2.07
C ILE A 211 7.50 -19.82 3.24
N ASN A 212 6.94 -20.79 3.95
CA ASN A 212 7.69 -21.47 5.01
C ASN A 212 8.83 -22.28 4.44
N LYS A 213 8.57 -23.03 3.36
CA LYS A 213 9.67 -23.74 2.69
C LYS A 213 10.73 -22.76 2.20
N VAL A 214 10.29 -21.66 1.60
CA VAL A 214 11.23 -20.68 1.04
C VAL A 214 12.07 -20.04 2.15
N ASN A 215 11.44 -19.73 3.29
CA ASN A 215 12.15 -19.07 4.38
C ASN A 215 13.09 -20.05 5.09
N GLN A 216 12.69 -21.31 5.21
CA GLN A 216 13.60 -22.33 5.71
C GLN A 216 14.81 -22.46 4.80
N ALA A 217 14.60 -22.31 3.49
CA ALA A 217 15.73 -22.28 2.57
C ALA A 217 16.57 -21.02 2.73
N PHE A 218 15.93 -19.92 3.16
CA PHE A 218 16.66 -18.64 3.25
C PHE A 218 17.60 -18.62 4.44
N GLN A 219 17.22 -19.23 5.55
CA GLN A 219 18.03 -19.20 6.76
C GLN A 219 19.16 -20.21 6.75
N ASP A 220 19.39 -20.88 5.61
CA ASP A 220 20.49 -21.83 5.48
C ASP A 220 21.60 -21.16 4.69
N PRO A 221 22.72 -20.79 5.33
CA PRO A 221 23.84 -20.21 4.57
C PRO A 221 24.40 -21.15 3.52
N THR A 222 24.11 -22.45 3.60
CA THR A 222 24.51 -23.38 2.55
C THR A 222 23.83 -23.03 1.23
N LYS A 223 22.59 -22.57 1.28
CA LYS A 223 21.80 -22.36 0.08
C LYS A 223 21.55 -20.90 -0.26
N THR A 224 21.58 -20.00 0.72
CA THR A 224 21.18 -18.62 0.51
C THR A 224 22.22 -17.67 1.09
N THR A 225 22.58 -16.65 0.31
CA THR A 225 23.47 -15.59 0.76
C THR A 225 23.00 -14.28 0.14
N PHE A 226 23.47 -13.17 0.71
CA PHE A 226 23.05 -11.84 0.29
C PHE A 226 24.27 -11.01 -0.10
N VAL A 227 24.14 -10.28 -1.20
CA VAL A 227 25.17 -9.36 -1.68
C VAL A 227 24.61 -7.95 -1.59
N CYS A 228 25.29 -7.09 -0.83
CA CYS A 228 24.88 -5.71 -0.63
C CYS A 228 25.68 -4.80 -1.54
N VAL A 229 24.99 -4.03 -2.38
CA VAL A 229 25.61 -3.10 -3.30
C VAL A 229 25.39 -1.69 -2.78
N CYS A 230 26.44 -0.88 -2.81
CA CYS A 230 26.37 0.49 -2.32
C CYS A 230 27.33 1.37 -3.11
N ILE A 231 27.32 2.66 -2.80
CA ILE A 231 28.23 3.62 -3.41
C ILE A 231 28.84 4.47 -2.29
N PRO A 232 30.03 5.04 -2.52
CA PRO A 232 30.66 5.83 -1.46
C PRO A 232 29.92 7.11 -1.13
N GLU A 233 28.70 6.98 -0.61
CA GLU A 233 27.91 8.10 -0.11
C GLU A 233 27.21 7.66 1.17
N PHE A 234 26.76 8.65 1.94
CA PHE A 234 26.19 8.34 3.26
C PHE A 234 24.92 7.51 3.15
N LEU A 235 24.00 7.91 2.28
CA LEU A 235 22.69 7.26 2.21
C LEU A 235 22.84 5.79 1.84
N SER A 236 23.72 5.48 0.89
CA SER A 236 23.89 4.10 0.47
C SER A 236 24.46 3.25 1.59
N ILE A 237 25.44 3.78 2.33
CA ILE A 237 26.03 3.03 3.45
C ILE A 237 24.99 2.84 4.56
N TYR A 238 24.15 3.85 4.78
CA TYR A 238 23.11 3.76 5.80
C TYR A 238 22.10 2.68 5.44
N GLU A 239 21.67 2.64 4.17
CA GLU A 239 20.74 1.58 3.75
C GLU A 239 21.42 0.22 3.79
N THR A 240 22.71 0.16 3.48
CA THR A 240 23.43 -1.10 3.57
C THR A 240 23.48 -1.60 5.01
N GLU A 241 23.72 -0.70 5.96
CA GLU A 241 23.73 -1.08 7.37
C GLU A 241 22.36 -1.54 7.83
N ARG A 242 21.30 -0.81 7.45
CA ARG A 242 19.94 -1.25 7.74
C ARG A 242 19.70 -2.66 7.21
N LEU A 243 20.05 -2.90 5.95
CA LEU A 243 19.79 -4.18 5.32
C LEU A 243 20.60 -5.29 5.98
N VAL A 244 21.85 -5.02 6.33
CA VAL A 244 22.68 -6.04 6.99
C VAL A 244 22.11 -6.38 8.37
N GLN A 245 21.70 -5.38 9.14
CA GLN A 245 21.14 -5.65 10.45
C GLN A 245 19.82 -6.42 10.35
N GLU A 246 19.00 -6.09 9.35
CA GLU A 246 17.74 -6.81 9.17
C GLU A 246 18.01 -8.26 8.76
N LEU A 247 18.97 -8.49 7.87
CA LEU A 247 19.33 -9.85 7.49
C LEU A 247 19.86 -10.62 8.69
N SER A 248 20.60 -9.96 9.56
CA SER A 248 21.10 -10.60 10.77
C SER A 248 19.96 -10.98 11.70
N LYS A 249 19.02 -10.06 11.93
CA LYS A 249 17.86 -10.35 12.77
C LYS A 249 17.06 -11.53 12.23
N TYR A 250 16.84 -11.56 10.92
CA TYR A 250 16.01 -12.60 10.31
C TYR A 250 16.83 -13.80 9.86
N GLY A 251 18.05 -13.96 10.37
CA GLY A 251 18.84 -15.16 10.16
C GLY A 251 19.20 -15.44 8.71
N ILE A 252 19.40 -14.42 7.89
CA ILE A 252 19.83 -14.58 6.52
C ILE A 252 21.27 -14.13 6.40
N ASP A 253 22.10 -14.96 5.77
CA ASP A 253 23.54 -14.72 5.72
C ASP A 253 23.90 -13.70 4.66
N SER A 254 24.80 -12.78 5.01
CA SER A 254 25.39 -11.84 4.07
C SER A 254 26.85 -11.64 4.45
N HIS A 255 27.75 -11.80 3.46
CA HIS A 255 29.17 -11.61 3.70
C HIS A 255 29.86 -11.00 2.47
N ASN A 256 29.13 -10.19 1.71
CA ASN A 256 29.66 -9.57 0.50
C ASN A 256 29.09 -8.17 0.37
N ILE A 257 29.96 -7.16 0.41
CA ILE A 257 29.59 -5.78 0.18
C ILE A 257 30.28 -5.31 -1.09
N VAL A 258 29.50 -4.80 -2.03
CA VAL A 258 30.02 -4.31 -3.31
C VAL A 258 29.88 -2.80 -3.31
N VAL A 259 31.00 -2.10 -3.17
CA VAL A 259 31.04 -0.65 -3.24
C VAL A 259 31.27 -0.29 -4.70
N ASN A 260 30.22 0.14 -5.37
CA ASN A 260 30.28 0.41 -6.81
C ASN A 260 30.59 1.88 -7.07
N GLN A 261 30.90 2.17 -8.34
CA GLN A 261 31.14 3.54 -8.81
C GLN A 261 32.21 4.25 -7.99
N VAL A 262 33.26 3.51 -7.63
CA VAL A 262 34.37 4.09 -6.89
C VAL A 262 35.24 4.91 -7.84
N LEU A 263 35.53 6.15 -7.46
CA LEU A 263 36.37 7.01 -8.27
C LEU A 263 37.82 6.62 -8.12
N PHE A 264 38.44 6.20 -9.22
CA PHE A 264 39.86 5.88 -9.30
C PHE A 264 40.28 4.89 -8.22
N PRO A 265 39.90 3.62 -8.36
CA PRO A 265 40.18 2.63 -7.32
C PRO A 265 41.64 2.22 -7.19
N GLU A 266 42.53 2.79 -8.01
CA GLU A 266 43.93 2.36 -8.01
C GLU A 266 44.81 3.25 -7.13
N LYS A 267 44.77 4.56 -7.35
CA LYS A 267 45.60 5.47 -6.58
C LYS A 267 44.99 5.75 -5.22
N ASP A 268 45.86 6.17 -4.29
CA ASP A 268 45.44 6.60 -2.98
C ASP A 268 45.07 8.08 -3.05
N ALA A 269 44.58 8.62 -1.94
CA ALA A 269 44.20 10.03 -1.90
C ALA A 269 45.40 10.97 -2.03
N GLU A 270 46.63 10.47 -1.90
CA GLU A 270 47.78 11.35 -1.78
C GLU A 270 48.39 11.78 -3.11
N GLU A 271 48.73 10.84 -4.00
CA GLU A 271 49.55 11.12 -5.17
C GLU A 271 49.06 12.29 -6.01
N LEU A 272 47.83 12.22 -6.51
CA LEU A 272 47.36 13.27 -7.42
C LEU A 272 47.13 14.58 -6.67
N SER A 273 46.75 14.50 -5.39
CA SER A 273 46.62 15.72 -4.59
C SER A 273 47.96 16.41 -4.43
N ALA A 274 49.03 15.64 -4.19
CA ALA A 274 50.36 16.21 -4.05
C ALA A 274 50.83 16.82 -5.37
N TRP A 275 50.61 16.11 -6.48
CA TRP A 275 50.99 16.66 -7.77
C TRP A 275 50.25 17.96 -8.06
N TYR A 276 48.95 18.00 -7.76
CA TYR A 276 48.18 19.22 -8.02
C TYR A 276 48.62 20.36 -7.09
N GLU A 277 48.83 20.07 -5.80
CA GLU A 277 49.29 21.10 -4.89
C GLU A 277 50.68 21.60 -5.25
N ALA A 278 51.48 20.79 -5.93
CA ALA A 278 52.77 21.27 -6.42
C ALA A 278 52.64 22.05 -7.72
N ASN A 279 51.60 21.79 -8.51
CA ASN A 279 51.41 22.44 -9.80
C ASN A 279 49.99 23.00 -9.94
N GLY A 280 49.44 23.56 -8.85
CA GLY A 280 48.08 24.05 -8.89
C GLY A 280 47.91 25.28 -9.76
N ALA A 281 48.75 26.29 -9.56
CA ALA A 281 48.62 27.54 -10.29
C ALA A 281 49.09 27.45 -11.74
N THR A 282 49.63 26.30 -12.15
CA THR A 282 50.14 26.11 -13.50
C THR A 282 49.09 25.57 -14.47
N LEU A 283 47.88 25.28 -14.01
CA LEU A 283 46.91 24.69 -14.91
C LEU A 283 45.93 25.74 -15.42
N PRO A 284 45.45 25.57 -16.65
CA PRO A 284 44.37 26.43 -17.14
C PRO A 284 43.12 26.30 -16.27
N LYS A 285 42.24 27.31 -16.41
CA LYS A 285 41.01 27.35 -15.62
C LYS A 285 40.22 26.05 -15.70
N GLU A 286 40.09 25.48 -16.89
CA GLU A 286 39.24 24.30 -17.05
C GLU A 286 39.85 23.09 -16.36
N ALA A 287 41.12 22.80 -16.65
CA ALA A 287 41.80 21.68 -16.02
C ALA A 287 41.85 21.83 -14.51
N ARG A 288 42.07 23.05 -14.01
CA ARG A 288 42.11 23.27 -12.58
C ARG A 288 40.75 23.02 -11.94
N GLU A 289 39.68 23.51 -12.57
CA GLU A 289 38.33 23.26 -12.04
C GLU A 289 38.01 21.77 -12.00
N ILE A 290 38.31 21.05 -13.09
CA ILE A 290 37.97 19.63 -13.11
C ILE A 290 38.81 18.86 -12.09
N CYS A 291 40.10 19.23 -11.94
CA CYS A 291 40.93 18.57 -10.94
C CYS A 291 40.43 18.84 -9.53
N SER A 292 39.95 20.07 -9.27
CA SER A 292 39.45 20.38 -7.93
C SER A 292 38.18 19.61 -7.63
N LYS A 293 37.25 19.56 -8.58
CA LYS A 293 36.04 18.77 -8.38
C LYS A 293 36.37 17.30 -8.16
N LEU A 294 37.30 16.77 -8.96
CA LEU A 294 37.70 15.37 -8.82
C LEU A 294 38.32 15.11 -7.46
N LEU A 295 39.17 16.02 -6.99
CA LEU A 295 39.80 15.83 -5.68
C LEU A 295 38.78 15.86 -4.56
N ALA A 296 37.79 16.75 -4.65
CA ALA A 296 36.75 16.80 -3.62
C ALA A 296 35.93 15.52 -3.61
N ARG A 297 35.52 15.07 -4.80
CA ARG A 297 34.77 13.82 -4.91
C ARG A 297 35.57 12.64 -4.38
N LYS A 298 36.88 12.62 -4.66
CA LYS A 298 37.72 11.52 -4.18
C LYS A 298 37.87 11.55 -2.67
N ARG A 299 38.01 12.74 -2.09
CA ARG A 299 38.09 12.85 -0.63
C ARG A 299 36.81 12.34 0.04
N MET A 300 35.65 12.76 -0.49
CA MET A 300 34.39 12.30 0.09
C MET A 300 34.23 10.79 -0.05
N GLN A 301 34.54 10.26 -1.24
CA GLN A 301 34.43 8.82 -1.46
C GLN A 301 35.38 8.05 -0.56
N ASP A 302 36.58 8.58 -0.32
CA ASP A 302 37.54 7.89 0.55
C ASP A 302 37.06 7.89 1.99
N LYS A 303 36.49 9.01 2.45
CA LYS A 303 35.90 9.04 3.78
C LYS A 303 34.81 7.98 3.92
N TYR A 304 33.92 7.90 2.94
CA TYR A 304 32.81 6.94 3.06
C TYR A 304 33.29 5.49 2.89
N ILE A 305 34.35 5.26 2.10
CA ILE A 305 34.90 3.91 1.97
C ILE A 305 35.60 3.51 3.27
N GLY A 306 36.26 4.46 3.94
CA GLY A 306 36.80 4.16 5.25
C GLY A 306 35.71 3.85 6.26
N GLN A 307 34.57 4.55 6.17
CA GLN A 307 33.43 4.21 7.01
C GLN A 307 32.94 2.80 6.72
N CYS A 308 32.90 2.42 5.44
CA CYS A 308 32.51 1.06 5.08
C CYS A 308 33.47 0.03 5.69
N PHE A 309 34.77 0.28 5.57
CA PHE A 309 35.76 -0.64 6.14
C PHE A 309 35.73 -0.66 7.65
N ASP A 310 35.23 0.41 8.28
CA ASP A 310 35.01 0.39 9.72
C ASP A 310 33.82 -0.50 10.07
N LEU A 311 32.70 -0.32 9.39
CA LEU A 311 31.52 -1.14 9.67
C LEU A 311 31.76 -2.61 9.33
N TYR A 312 32.42 -2.88 8.20
CA TYR A 312 32.58 -4.25 7.74
C TYR A 312 34.06 -4.59 7.56
N GLY A 313 34.37 -5.45 6.58
CA GLY A 313 35.74 -5.83 6.34
C GLY A 313 36.21 -6.97 7.23
N ASP A 314 35.86 -6.92 8.51
CA ASP A 314 36.19 -8.01 9.41
C ASP A 314 35.50 -9.31 9.00
N ASP A 315 34.23 -9.23 8.59
CA ASP A 315 33.44 -10.40 8.24
C ASP A 315 32.88 -10.37 6.83
N PHE A 316 33.18 -9.34 6.05
CA PHE A 316 32.58 -9.15 4.73
C PHE A 316 33.66 -9.01 3.67
N HIS A 317 33.43 -9.60 2.50
CA HIS A 317 34.27 -9.36 1.34
C HIS A 317 33.87 -8.02 0.74
N VAL A 318 34.78 -7.06 0.76
CA VAL A 318 34.51 -5.70 0.28
C VAL A 318 35.11 -5.58 -1.11
N VAL A 319 34.25 -5.50 -2.12
CA VAL A 319 34.67 -5.45 -3.51
C VAL A 319 34.47 -4.04 -4.03
N LEU A 320 35.57 -3.39 -4.42
CA LEU A 320 35.52 -2.03 -4.94
C LEU A 320 35.44 -2.06 -6.46
N MET A 321 34.46 -1.36 -7.01
CA MET A 321 34.26 -1.33 -8.45
C MET A 321 34.45 0.09 -8.98
N PRO A 322 35.17 0.24 -10.10
CA PRO A 322 35.49 1.59 -10.57
C PRO A 322 34.31 2.26 -11.26
N LEU A 323 34.20 3.57 -11.06
CA LEU A 323 33.21 4.36 -11.78
C LEU A 323 33.64 4.53 -13.23
N LEU A 324 32.76 4.19 -14.16
CA LEU A 324 33.06 4.25 -15.57
C LEU A 324 32.30 5.39 -16.24
N ASP A 325 32.85 5.85 -17.36
CA ASP A 325 32.22 6.94 -18.10
C ASP A 325 30.95 6.47 -18.80
N TYR A 326 30.95 5.25 -19.30
CA TYR A 326 29.84 4.67 -20.02
C TYR A 326 28.97 3.83 -19.09
N GLU A 327 27.68 3.73 -19.43
CA GLU A 327 26.80 2.83 -18.71
C GLU A 327 27.11 1.39 -19.05
N VAL A 328 27.10 0.53 -18.03
CA VAL A 328 27.47 -0.88 -18.21
C VAL A 328 26.30 -1.64 -18.82
N ARG A 329 26.03 -1.37 -20.10
CA ARG A 329 24.99 -2.06 -20.85
C ARG A 329 25.64 -2.90 -21.95
N GLY A 330 24.92 -3.90 -22.43
CA GLY A 330 25.53 -4.76 -23.42
C GLY A 330 26.31 -5.90 -22.81
N VAL A 331 26.43 -6.98 -23.58
CA VAL A 331 27.00 -8.22 -23.06
C VAL A 331 28.49 -8.05 -22.77
N GLU A 332 29.21 -7.31 -23.62
CA GLU A 332 30.65 -7.18 -23.45
C GLU A 332 30.99 -6.35 -22.20
N LYS A 333 30.28 -5.24 -22.00
CA LYS A 333 30.49 -4.45 -20.79
C LYS A 333 30.18 -5.27 -19.54
N LEU A 334 29.13 -6.09 -19.61
CA LEU A 334 28.81 -6.96 -18.48
C LEU A 334 29.91 -7.98 -18.23
N LYS A 335 30.48 -8.54 -19.31
CA LYS A 335 31.59 -9.49 -19.14
C LYS A 335 32.79 -8.83 -18.49
N THR A 336 33.11 -7.59 -18.90
CA THR A 336 34.27 -6.92 -18.33
C THR A 336 34.02 -6.52 -16.88
N PHE A 337 32.80 -6.12 -16.56
CA PHE A 337 32.49 -5.75 -15.19
C PHE A 337 32.45 -6.98 -14.29
N SER A 338 31.97 -8.10 -14.82
CA SER A 338 32.01 -9.35 -14.05
C SER A 338 33.44 -9.82 -13.82
N GLU A 339 34.32 -9.63 -14.81
CA GLU A 339 35.72 -9.97 -14.61
C GLU A 339 36.36 -9.09 -13.56
N LEU A 340 36.04 -7.79 -13.56
CA LEU A 340 36.51 -6.93 -12.48
C LEU A 340 35.85 -7.29 -11.14
N LEU A 341 34.69 -7.93 -11.17
CA LEU A 341 33.96 -8.26 -9.96
C LEU A 341 34.51 -9.51 -9.26
N VAL A 342 34.80 -10.57 -10.02
CA VAL A 342 35.17 -11.84 -9.39
C VAL A 342 36.68 -12.03 -9.26
N ASP A 343 37.47 -11.31 -10.04
CA ASP A 343 38.93 -11.30 -9.87
C ASP A 343 39.41 -9.91 -10.25
N PRO A 344 39.64 -9.05 -9.27
CA PRO A 344 39.94 -7.64 -9.54
C PRO A 344 41.38 -7.45 -9.98
N VAL A 345 41.73 -6.18 -10.22
CA VAL A 345 43.07 -5.81 -10.63
C VAL A 345 44.03 -5.91 -9.46
N LEU B 4 -45.54 0.09 16.25
CA LEU B 4 -44.26 0.31 16.91
C LEU B 4 -43.89 1.79 16.91
N ASP B 5 -43.19 2.21 17.96
CA ASP B 5 -42.57 3.54 18.01
C ASP B 5 -41.07 3.38 17.85
N LEU B 6 -40.51 4.06 16.86
CA LEU B 6 -39.10 3.96 16.51
C LEU B 6 -38.64 5.31 15.99
N PRO B 7 -37.33 5.55 15.91
CA PRO B 7 -36.86 6.79 15.29
C PRO B 7 -37.37 6.92 13.87
N ASP B 8 -37.45 8.17 13.41
CA ASP B 8 -38.05 8.47 12.12
C ASP B 8 -37.24 7.85 10.99
N PRO B 9 -37.88 7.15 10.05
CA PRO B 9 -37.15 6.54 8.92
C PRO B 9 -36.73 7.56 7.87
N SER B 10 -35.97 8.56 8.32
CA SER B 10 -35.50 9.62 7.43
C SER B 10 -34.23 10.22 8.02
N LEU B 11 -33.49 10.93 7.18
CA LEU B 11 -32.30 11.65 7.61
C LEU B 11 -32.59 13.08 8.06
N LYS B 12 -33.83 13.35 8.47
CA LYS B 12 -34.19 14.70 8.89
C LYS B 12 -33.51 15.08 10.21
N ASN B 13 -33.15 14.08 11.02
CA ASN B 13 -32.43 14.37 12.26
C ASN B 13 -31.06 14.98 11.98
N ILE B 14 -30.47 14.68 10.81
CA ILE B 14 -29.21 15.30 10.43
C ILE B 14 -29.42 16.79 10.17
N ILE B 15 -30.49 17.15 9.49
CA ILE B 15 -30.77 18.56 9.23
C ILE B 15 -31.18 19.28 10.51
N ASP B 16 -31.85 18.58 11.42
CA ASP B 16 -32.30 19.22 12.65
C ASP B 16 -31.14 19.59 13.55
N GLN B 17 -30.18 18.68 13.73
CA GLN B 17 -29.01 18.96 14.55
C GLN B 17 -28.13 19.99 13.86
N THR B 18 -28.37 21.28 14.14
CA THR B 18 -27.67 22.37 13.46
C THR B 18 -26.21 22.50 13.87
N THR B 19 -25.78 21.83 14.93
CA THR B 19 -24.41 21.96 15.42
C THR B 19 -23.43 21.04 14.70
N LEU B 20 -23.91 20.17 13.82
CA LEU B 20 -23.03 19.23 13.12
C LEU B 20 -22.08 19.95 12.19
N GLN B 21 -20.80 19.56 12.22
CA GLN B 21 -19.79 20.11 11.33
C GLN B 21 -19.17 19.07 10.40
N TRP B 22 -19.20 17.79 10.76
CA TRP B 22 -18.68 16.73 9.91
C TRP B 22 -19.74 15.65 9.78
N VAL B 23 -20.18 15.41 8.54
CA VAL B 23 -21.16 14.37 8.26
C VAL B 23 -20.50 13.37 7.31
N PHE B 24 -20.16 12.20 7.84
CA PHE B 24 -19.50 11.16 7.06
C PHE B 24 -20.52 10.17 6.51
N VAL B 25 -20.33 9.78 5.27
CA VAL B 25 -21.17 8.80 4.60
C VAL B 25 -20.28 7.64 4.16
N GLY B 26 -20.53 6.45 4.71
CA GLY B 26 -19.72 5.29 4.43
C GLY B 26 -20.57 4.11 3.98
N GLY B 27 -19.87 3.05 3.60
CA GLY B 27 -20.53 1.85 3.11
C GLY B 27 -19.66 1.17 2.07
N LYS B 28 -20.15 0.04 1.58
CA LYS B 28 -19.44 -0.68 0.54
C LYS B 28 -19.65 -0.01 -0.81
N GLY B 29 -18.79 -0.35 -1.76
CA GLY B 29 -18.89 0.23 -3.09
C GLY B 29 -20.13 -0.25 -3.83
N GLY B 30 -20.78 0.68 -4.54
CA GLY B 30 -21.92 0.36 -5.37
C GLY B 30 -23.27 0.40 -4.68
N VAL B 31 -23.32 0.79 -3.39
CA VAL B 31 -24.59 0.87 -2.68
C VAL B 31 -25.23 2.24 -2.82
N GLY B 32 -24.56 3.20 -3.45
CA GLY B 32 -25.08 4.54 -3.58
C GLY B 32 -24.49 5.56 -2.64
N LYS B 33 -23.25 5.37 -2.20
CA LYS B 33 -22.61 6.32 -1.28
C LYS B 33 -22.56 7.72 -1.89
N THR B 34 -22.10 7.83 -3.14
CA THR B 34 -21.96 9.13 -3.77
C THR B 34 -23.31 9.83 -3.91
N THR B 35 -24.33 9.09 -4.36
CA THR B 35 -25.66 9.69 -4.54
C THR B 35 -26.24 10.16 -3.21
N THR B 36 -26.17 9.31 -2.18
CA THR B 36 -26.69 9.69 -0.87
C THR B 36 -25.93 10.87 -0.29
N SER B 37 -24.61 10.90 -0.49
CA SER B 37 -23.81 12.02 -0.01
C SER B 37 -24.20 13.32 -0.71
N CYS B 38 -24.38 13.26 -2.03
CA CYS B 38 -24.78 14.46 -2.76
C CYS B 38 -26.16 14.93 -2.34
N CYS B 39 -27.08 14.00 -2.06
CA CYS B 39 -28.41 14.39 -1.60
C CYS B 39 -28.35 15.02 -0.22
N LEU B 40 -27.51 14.48 0.67
CA LEU B 40 -27.34 15.09 1.99
C LEU B 40 -26.74 16.49 1.87
N GLY B 41 -25.79 16.66 0.97
CA GLY B 41 -25.23 17.99 0.73
C GLY B 41 -26.27 18.97 0.20
N VAL B 42 -27.07 18.52 -0.76
CA VAL B 42 -28.13 19.36 -1.31
C VAL B 42 -29.11 19.78 -0.22
N GLN B 43 -29.47 18.85 0.66
CA GLN B 43 -30.42 19.19 1.72
C GLN B 43 -29.80 20.12 2.75
N LEU B 44 -28.53 19.91 3.10
CA LEU B 44 -27.88 20.79 4.06
C LEU B 44 -27.65 22.18 3.48
N ALA B 45 -27.53 22.29 2.15
CA ALA B 45 -27.31 23.59 1.53
C ALA B 45 -28.46 24.57 1.76
N LYS B 46 -29.66 24.07 2.10
CA LYS B 46 -30.80 24.95 2.32
C LYS B 46 -30.70 25.69 3.66
N SER B 47 -30.53 24.94 4.75
CA SER B 47 -30.55 25.54 6.08
C SER B 47 -29.21 26.14 6.48
N ARG B 48 -28.11 25.59 6.00
CA ARG B 48 -26.80 26.00 6.45
C ARG B 48 -26.25 27.11 5.55
N THR B 49 -25.38 27.94 6.13
CA THR B 49 -24.84 29.08 5.39
C THR B 49 -23.86 28.65 4.31
N LYS B 50 -23.03 27.65 4.60
CA LYS B 50 -22.08 27.15 3.62
C LYS B 50 -21.90 25.65 3.83
N VAL B 51 -21.98 24.88 2.74
CA VAL B 51 -21.89 23.43 2.79
C VAL B 51 -20.84 22.98 1.79
N LEU B 52 -19.96 22.08 2.23
CA LEU B 52 -18.90 21.55 1.40
C LEU B 52 -19.00 20.03 1.33
N LEU B 53 -18.78 19.48 0.14
CA LEU B 53 -18.76 18.04 -0.09
C LEU B 53 -17.34 17.64 -0.46
N VAL B 54 -16.82 16.62 0.22
CA VAL B 54 -15.45 16.14 0.01
C VAL B 54 -15.51 14.65 -0.31
N SER B 55 -14.94 14.28 -1.45
CA SER B 55 -14.94 12.89 -1.91
C SER B 55 -13.51 12.36 -1.89
N THR B 56 -13.27 11.36 -1.04
CA THR B 56 -12.00 10.65 -1.02
C THR B 56 -12.08 9.34 -1.79
N ASP B 57 -13.21 9.07 -2.44
CA ASP B 57 -13.33 7.91 -3.31
C ASP B 57 -12.33 8.06 -4.45
N PRO B 58 -11.47 7.05 -4.69
CA PRO B 58 -10.46 7.18 -5.75
C PRO B 58 -10.99 7.64 -7.09
N ALA B 59 -12.12 7.10 -7.54
CA ALA B 59 -12.70 7.51 -8.82
C ALA B 59 -13.22 8.95 -8.72
N HIS B 60 -13.67 9.47 -9.85
CA HIS B 60 -14.26 10.81 -9.92
C HIS B 60 -15.78 10.74 -10.03
N ASN B 61 -16.39 9.97 -9.13
CA ASN B 61 -17.83 9.74 -9.18
C ASN B 61 -18.64 11.00 -8.86
N LEU B 62 -18.02 11.98 -8.18
CA LEU B 62 -18.74 13.21 -7.86
C LEU B 62 -19.11 13.98 -9.12
N SER B 63 -18.19 14.02 -10.09
CA SER B 63 -18.44 14.73 -11.34
C SER B 63 -19.58 14.10 -12.12
N ASP B 64 -19.56 12.76 -12.24
CA ASP B 64 -20.64 12.07 -12.91
C ASP B 64 -21.96 12.20 -12.17
N ALA B 65 -21.91 12.23 -10.83
CA ALA B 65 -23.12 12.36 -10.04
C ALA B 65 -23.78 13.73 -10.25
N PHE B 66 -23.00 14.80 -10.08
CA PHE B 66 -23.56 16.14 -10.26
C PHE B 66 -23.68 16.56 -11.71
N CYS B 67 -23.23 15.73 -12.65
CA CYS B 67 -23.21 16.07 -14.07
C CYS B 67 -22.53 17.43 -14.28
N GLN B 68 -21.32 17.54 -13.77
CA GLN B 68 -20.57 18.79 -13.72
C GLN B 68 -19.15 18.49 -13.28
N LYS B 69 -18.18 19.11 -13.95
CA LYS B 69 -16.78 18.87 -13.63
C LYS B 69 -16.45 19.42 -12.25
N ILE B 70 -15.96 18.56 -11.37
CA ILE B 70 -15.60 18.94 -10.00
C ILE B 70 -14.09 18.81 -9.85
N GLY B 71 -13.45 19.90 -9.40
CA GLY B 71 -12.01 19.96 -9.30
C GLY B 71 -11.48 19.51 -7.94
N ARG B 72 -10.15 19.40 -7.87
CA ARG B 72 -9.48 19.02 -6.63
C ARG B 72 -9.61 20.11 -5.56
N GLU B 73 -10.02 21.31 -5.95
CA GLU B 73 -10.33 22.41 -5.06
C GLU B 73 -11.83 22.68 -5.08
N PRO B 74 -12.36 23.42 -4.12
CA PRO B 74 -13.81 23.65 -4.07
C PRO B 74 -14.35 24.22 -5.37
N THR B 75 -15.43 23.60 -5.87
CA THR B 75 -16.08 24.02 -7.10
C THR B 75 -17.57 24.21 -6.82
N PRO B 76 -18.08 25.43 -6.85
CA PRO B 76 -19.50 25.66 -6.54
C PRO B 76 -20.43 24.81 -7.42
N ILE B 77 -21.39 24.17 -6.77
CA ILE B 77 -22.33 23.29 -7.47
C ILE B 77 -23.33 24.14 -8.25
N HIS B 78 -23.49 23.82 -9.53
CA HIS B 78 -24.46 24.50 -10.38
C HIS B 78 -25.85 24.45 -9.76
N GLY B 79 -26.50 25.62 -9.70
CA GLY B 79 -27.83 25.74 -9.16
C GLY B 79 -27.89 26.02 -7.68
N PHE B 80 -26.75 26.08 -6.99
CA PHE B 80 -26.71 26.38 -5.57
C PHE B 80 -25.76 27.52 -5.31
N ASP B 81 -26.12 28.38 -4.35
CA ASP B 81 -25.31 29.52 -3.99
C ASP B 81 -24.33 29.21 -2.88
N ASN B 82 -24.56 28.15 -2.11
CA ASN B 82 -23.79 27.87 -0.90
C ASN B 82 -23.38 26.41 -0.81
N LEU B 83 -23.30 25.69 -1.93
CA LEU B 83 -22.95 24.28 -1.96
C LEU B 83 -21.74 24.11 -2.86
N CYS B 84 -20.60 23.72 -2.28
CA CYS B 84 -19.38 23.49 -3.03
C CYS B 84 -18.99 22.03 -2.96
N ALA B 85 -18.25 21.57 -3.97
CA ALA B 85 -17.81 20.19 -4.05
C ALA B 85 -16.30 20.13 -4.28
N MET B 86 -15.72 19.00 -3.90
CA MET B 86 -14.27 18.79 -3.99
C MET B 86 -14.02 17.30 -4.04
N GLU B 87 -13.17 16.87 -4.97
CA GLU B 87 -12.82 15.46 -5.12
C GLU B 87 -11.33 15.25 -4.90
N ILE B 88 -10.99 14.30 -4.04
CA ILE B 88 -9.61 13.98 -3.69
C ILE B 88 -9.34 12.54 -4.12
N ASP B 89 -8.20 12.32 -4.76
CA ASP B 89 -7.82 10.99 -5.20
C ASP B 89 -7.22 10.18 -4.05
N ASP B 105 19.84 13.54 -0.48
CA ASP B 105 18.98 14.10 0.55
C ASP B 105 18.70 13.08 1.66
N VAL B 106 19.28 13.33 2.83
CA VAL B 106 19.12 12.42 3.96
C VAL B 106 17.68 12.37 4.43
N PHE B 107 17.03 13.53 4.54
CA PHE B 107 15.64 13.57 4.98
C PHE B 107 14.74 12.77 4.04
N GLY B 108 14.93 12.94 2.72
CA GLY B 108 14.11 12.19 1.77
C GLY B 108 14.31 10.69 1.88
N GLN B 109 15.57 10.26 2.05
CA GLN B 109 15.84 8.83 2.16
C GLN B 109 15.25 8.25 3.44
N MET B 110 15.38 8.96 4.57
CA MET B 110 14.78 8.48 5.81
C MET B 110 13.26 8.47 5.72
N PHE B 111 12.68 9.47 5.04
CA PHE B 111 11.24 9.50 4.83
C PHE B 111 10.77 8.32 4.00
N ASN B 112 11.55 7.95 2.97
CA ASN B 112 11.20 6.79 2.17
C ASN B 112 11.35 5.49 2.97
N ASP B 113 12.37 5.42 3.82
CA ASP B 113 12.51 4.26 4.71
C ASP B 113 11.31 4.15 5.64
N LEU B 114 10.82 5.27 6.15
CA LEU B 114 9.67 5.25 7.03
C LEU B 114 8.41 4.85 6.27
N GLN B 115 8.24 5.35 5.05
CA GLN B 115 7.09 4.97 4.24
C GLN B 115 7.10 3.48 3.92
N ASN B 116 8.29 2.92 3.64
CA ASN B 116 8.37 1.51 3.32
C ASN B 116 8.21 0.63 4.56
N SER B 117 8.69 1.09 5.72
CA SER B 117 8.61 0.29 6.93
C SER B 117 7.23 0.33 7.55
N ILE B 118 6.56 1.48 7.51
CA ILE B 118 5.25 1.64 8.12
C ILE B 118 4.21 1.92 7.03
N PRO B 119 3.56 0.89 6.50
CA PRO B 119 2.53 1.12 5.48
C PRO B 119 1.33 1.84 6.08
N GLY B 120 0.93 2.93 5.45
CA GLY B 120 -0.20 3.74 5.90
C GLY B 120 0.19 5.10 6.43
N ILE B 121 1.47 5.39 6.60
CA ILE B 121 1.89 6.69 7.11
C ILE B 121 1.66 7.77 6.07
N ASP B 122 1.83 7.44 4.78
CA ASP B 122 1.58 8.40 3.72
C ASP B 122 0.10 8.76 3.66
N GLU B 123 -0.78 7.77 3.83
CA GLU B 123 -2.21 8.04 3.92
C GLU B 123 -2.52 8.94 5.10
N ALA B 124 -1.85 8.72 6.23
CA ALA B 124 -2.08 9.55 7.41
C ALA B 124 -1.65 11.00 7.14
N MET B 125 -0.51 11.20 6.50
CA MET B 125 -0.07 12.57 6.22
C MET B 125 -0.98 13.24 5.19
N SER B 126 -1.43 12.49 4.19
CA SER B 126 -2.38 13.06 3.22
C SER B 126 -3.67 13.46 3.89
N PHE B 127 -4.18 12.62 4.81
CA PHE B 127 -5.40 12.96 5.53
C PHE B 127 -5.19 14.17 6.43
N SER B 128 -4.01 14.28 7.04
CA SER B 128 -3.71 15.46 7.87
C SER B 128 -3.70 16.73 7.04
N GLU B 129 -3.04 16.69 5.88
CA GLU B 129 -3.02 17.86 5.00
C GLU B 129 -4.43 18.22 4.54
N LEU B 130 -5.22 17.21 4.18
CA LEU B 130 -6.60 17.46 3.75
C LEU B 130 -7.42 18.08 4.86
N MET B 131 -7.26 17.60 6.10
CA MET B 131 -8.01 18.15 7.22
C MET B 131 -7.60 19.58 7.51
N LYS B 132 -6.31 19.88 7.42
CA LYS B 132 -5.86 21.26 7.59
C LYS B 132 -6.47 22.17 6.53
N GLN B 133 -6.44 21.74 5.27
CA GLN B 133 -7.00 22.54 4.19
C GLN B 133 -8.50 22.75 4.38
N VAL B 134 -9.22 21.71 4.79
CA VAL B 134 -10.67 21.83 4.96
C VAL B 134 -11.00 22.74 6.13
N GLN B 135 -10.28 22.59 7.25
CA GLN B 135 -10.53 23.45 8.40
C GLN B 135 -10.13 24.89 8.12
N GLN B 136 -9.23 25.14 7.17
CA GLN B 136 -8.90 26.50 6.79
C GLN B 136 -9.81 27.06 5.70
N LEU B 137 -10.53 26.19 4.98
CA LEU B 137 -11.49 26.67 3.99
C LEU B 137 -12.70 27.35 4.63
N ASP B 138 -12.94 27.11 5.92
CA ASP B 138 -14.03 27.74 6.66
C ASP B 138 -15.39 27.44 6.06
N PHE B 139 -15.95 26.28 6.40
CA PHE B 139 -17.31 25.91 6.01
C PHE B 139 -18.10 25.55 7.27
N ASP B 140 -19.43 25.63 7.15
CA ASP B 140 -20.27 25.33 8.29
C ASP B 140 -20.44 23.82 8.49
N VAL B 141 -20.55 23.07 7.40
CA VAL B 141 -20.69 21.62 7.48
C VAL B 141 -20.06 21.00 6.24
N VAL B 142 -19.36 19.88 6.46
CA VAL B 142 -18.68 19.14 5.40
C VAL B 142 -19.25 17.72 5.38
N VAL B 143 -19.75 17.31 4.24
CA VAL B 143 -20.17 15.94 3.98
C VAL B 143 -18.99 15.22 3.35
N PHE B 144 -18.83 13.94 3.70
CA PHE B 144 -17.60 13.19 3.39
C PHE B 144 -17.98 11.88 2.72
N ASP B 145 -17.94 11.86 1.39
CA ASP B 145 -18.10 10.63 0.62
C ASP B 145 -16.81 9.85 0.72
N THR B 146 -16.75 8.90 1.65
CA THR B 146 -15.53 8.16 1.91
C THR B 146 -15.35 7.05 0.87
N ALA B 147 -14.16 6.48 0.86
CA ALA B 147 -13.88 5.30 0.06
C ALA B 147 -14.67 4.12 0.63
N PRO B 148 -14.70 2.97 -0.07
CA PRO B 148 -15.32 1.78 0.51
C PRO B 148 -14.81 1.45 1.91
N THR B 149 -15.59 0.63 2.63
CA THR B 149 -15.39 0.44 4.06
C THR B 149 -13.93 0.12 4.43
N GLY B 150 -13.28 -0.70 3.61
CA GLY B 150 -11.93 -1.15 3.95
C GLY B 150 -10.94 0.00 4.14
N HIS B 151 -11.03 1.02 3.28
CA HIS B 151 -10.12 2.15 3.41
C HIS B 151 -10.51 3.08 4.55
N THR B 152 -11.81 3.17 4.83
CA THR B 152 -12.26 3.95 5.98
C THR B 152 -11.80 3.33 7.29
N LEU B 153 -11.68 2.00 7.35
CA LEU B 153 -11.17 1.38 8.56
C LEU B 153 -9.72 1.76 8.83
N ARG B 154 -8.91 1.88 7.78
CA ARG B 154 -7.55 2.39 7.96
C ARG B 154 -7.57 3.87 8.35
N LEU B 155 -8.46 4.64 7.72
CA LEU B 155 -8.65 6.02 8.13
C LEU B 155 -8.93 6.12 9.62
N LEU B 156 -9.65 5.14 10.17
CA LEU B 156 -9.94 5.14 11.60
C LEU B 156 -8.75 4.64 12.42
N SER B 157 -7.94 3.75 11.86
CA SER B 157 -6.81 3.17 12.59
C SER B 157 -5.54 4.00 12.45
N PHE B 158 -5.60 5.16 11.78
CA PHE B 158 -4.47 6.07 11.60
C PHE B 158 -3.62 6.34 12.85
N PRO B 159 -4.21 6.57 14.03
CA PRO B 159 -3.36 6.87 15.21
C PRO B 159 -2.36 5.79 15.54
N THR B 160 -2.76 4.51 15.46
CA THR B 160 -1.81 3.44 15.72
C THR B 160 -0.67 3.46 14.70
N ILE B 161 -0.98 3.82 13.45
CA ILE B 161 0.05 3.90 12.43
C ILE B 161 1.02 5.04 12.74
N LEU B 162 0.50 6.17 13.22
CA LEU B 162 1.37 7.29 13.58
C LEU B 162 2.26 6.93 14.78
N GLU B 163 1.71 6.20 15.75
CA GLU B 163 2.52 5.78 16.89
C GLU B 163 3.60 4.78 16.46
N LYS B 164 3.26 3.86 15.55
CA LYS B 164 4.27 2.95 15.03
C LYS B 164 5.33 3.69 14.23
N ALA B 165 4.96 4.75 13.52
CA ALA B 165 5.96 5.54 12.80
C ALA B 165 6.90 6.25 13.77
N PHE B 166 6.35 6.85 14.83
CA PHE B 166 7.19 7.45 15.86
C PHE B 166 8.15 6.44 16.46
N ALA B 167 7.64 5.26 16.82
CA ALA B 167 8.48 4.25 17.45
C ALA B 167 9.51 3.70 16.48
N LYS B 168 9.17 3.63 15.19
CA LYS B 168 10.14 3.19 14.18
C LYS B 168 11.26 4.20 14.03
N VAL B 169 10.92 5.49 13.99
CA VAL B 169 11.96 6.52 13.89
C VAL B 169 12.86 6.48 15.13
N TRP B 170 12.27 6.29 16.32
CA TRP B 170 13.08 6.24 17.52
C TRP B 170 13.97 5.00 17.54
N GLU B 171 13.45 3.87 17.09
CA GLU B 171 14.24 2.64 17.00
C GLU B 171 15.38 2.80 16.02
N LEU B 172 15.11 3.38 14.85
CA LEU B 172 16.18 3.60 13.87
C LEU B 172 17.26 4.49 14.44
N LYS B 173 16.87 5.58 15.10
CA LYS B 173 17.86 6.47 15.71
C LYS B 173 18.71 5.72 16.72
N ASP B 174 18.06 5.02 17.66
CA ASP B 174 18.81 4.30 18.69
C ASP B 174 19.75 3.27 18.09
N ARG B 175 19.26 2.47 17.13
CA ARG B 175 20.03 1.34 16.63
C ARG B 175 21.17 1.80 15.74
N PHE B 176 20.97 2.82 14.91
CA PHE B 176 22.00 3.29 14.01
C PHE B 176 22.60 4.62 14.45
N GLY B 177 22.53 4.93 15.74
CA GLY B 177 23.15 6.14 16.25
C GLY B 177 24.65 6.20 16.00
N GLY B 178 25.33 5.07 16.12
CA GLY B 178 26.76 5.06 15.84
C GLY B 178 27.08 5.52 14.44
N LEU B 179 26.46 4.89 13.44
CA LEU B 179 26.68 5.28 12.05
C LEU B 179 26.19 6.70 11.79
N ILE B 180 25.07 7.09 12.40
CA ILE B 180 24.50 8.41 12.14
C ILE B 180 25.42 9.50 12.69
N GLY B 181 25.96 9.30 13.89
CA GLY B 181 26.90 10.27 14.44
C GLY B 181 28.23 10.28 13.71
N GLN B 182 28.72 9.10 13.32
CA GLN B 182 29.99 9.04 12.59
C GLN B 182 29.90 9.69 11.22
N ALA B 183 28.74 9.59 10.56
CA ALA B 183 28.54 10.24 9.27
C ALA B 183 28.13 11.70 9.40
N THR B 184 27.48 12.06 10.51
CA THR B 184 27.16 13.47 10.75
C THR B 184 28.40 14.34 10.70
N ALA B 185 29.52 13.82 11.21
CA ALA B 185 30.79 14.53 11.10
C ALA B 185 31.16 14.80 9.64
N LEU B 186 30.79 13.90 8.73
CA LEU B 186 31.29 14.00 7.36
C LEU B 186 30.49 15.01 6.53
N MET B 187 29.23 14.70 6.25
CA MET B 187 28.49 15.52 5.30
C MET B 187 28.13 16.86 5.92
N SER B 188 28.12 17.90 5.09
CA SER B 188 27.92 19.28 5.50
C SER B 188 26.57 19.80 5.03
N GLY B 189 26.27 21.04 5.42
CA GLY B 189 25.10 21.74 4.92
C GLY B 189 23.80 21.08 5.32
N GLY B 190 22.90 20.93 4.35
CA GLY B 190 21.58 20.42 4.64
C GLY B 190 21.42 18.94 4.39
N ASN B 191 22.35 18.14 4.92
CA ASN B 191 22.26 16.69 4.87
C ASN B 191 22.73 16.07 6.19
N ASN B 192 22.59 16.81 7.28
CA ASN B 192 22.92 16.29 8.60
C ASN B 192 21.92 15.21 8.95
N PRO B 193 22.34 13.97 9.22
CA PRO B 193 21.37 12.93 9.59
C PRO B 193 20.58 13.26 10.84
N ALA B 194 21.18 14.01 11.78
CA ALA B 194 20.46 14.35 13.00
C ALA B 194 19.44 15.45 12.77
N ALA B 195 19.80 16.50 12.01
CA ALA B 195 18.84 17.53 11.69
C ALA B 195 17.71 17.00 10.80
N ALA B 196 18.04 16.14 9.85
CA ALA B 196 17.00 15.56 8.99
C ALA B 196 16.11 14.61 9.78
N GLN B 197 16.69 13.83 10.70
CA GLN B 197 15.90 12.94 11.54
C GLN B 197 14.98 13.73 12.46
N GLU B 198 15.47 14.85 13.00
CA GLU B 198 14.62 15.70 13.82
C GLU B 198 13.51 16.35 12.99
N GLN B 199 13.80 16.69 11.72
CA GLN B 199 12.74 17.22 10.87
C GLN B 199 11.69 16.16 10.56
N LEU B 200 12.10 14.91 10.39
CA LEU B 200 11.15 13.83 10.21
C LEU B 200 10.29 13.64 11.45
N LEU B 201 10.91 13.68 12.63
CA LEU B 201 10.17 13.62 13.87
C LEU B 201 9.19 14.79 13.99
N GLY B 202 9.60 15.98 13.55
CA GLY B 202 8.72 17.13 13.62
C GLY B 202 7.54 17.02 12.66
N LYS B 203 7.77 16.46 11.47
CA LYS B 203 6.67 16.23 10.55
C LYS B 203 5.70 15.21 11.12
N LEU B 204 6.22 14.13 11.71
CA LEU B 204 5.35 13.16 12.38
C LEU B 204 4.55 13.81 13.50
N GLU B 205 5.18 14.72 14.25
CA GLU B 205 4.50 15.39 15.35
C GLU B 205 3.41 16.33 14.84
N GLU B 206 3.70 17.09 13.78
CA GLU B 206 2.68 17.93 13.15
C GLU B 206 1.49 17.10 12.71
N THR B 207 1.75 16.01 11.99
CA THR B 207 0.66 15.15 11.52
C THR B 207 -0.13 14.58 12.69
N ARG B 208 0.55 14.14 13.75
CA ARG B 208 -0.14 13.53 14.88
C ARG B 208 -0.97 14.55 15.63
N ALA B 209 -0.48 15.78 15.76
CA ALA B 209 -1.26 16.82 16.43
C ALA B 209 -2.49 17.19 15.61
N VAL B 210 -2.33 17.35 14.30
CA VAL B 210 -3.47 17.64 13.44
C VAL B 210 -4.52 16.52 13.57
N ILE B 211 -4.08 15.28 13.48
CA ILE B 211 -5.03 14.17 13.52
C ILE B 211 -5.64 14.01 14.91
N ASN B 212 -4.90 14.38 15.97
CA ASN B 212 -5.45 14.31 17.32
C ASN B 212 -6.54 15.36 17.51
N LYS B 213 -6.30 16.59 17.07
CA LYS B 213 -7.35 17.61 17.14
C LYS B 213 -8.55 17.20 16.30
N VAL B 214 -8.31 16.65 15.10
CA VAL B 214 -9.39 16.22 14.23
C VAL B 214 -10.21 15.10 14.89
N ASN B 215 -9.54 14.18 15.58
CA ASN B 215 -10.25 13.08 16.23
C ASN B 215 -11.01 13.57 17.47
N GLN B 216 -10.44 14.55 18.18
CA GLN B 216 -11.18 15.17 19.28
C GLN B 216 -12.45 15.83 18.77
N ALA B 217 -12.38 16.44 17.57
CA ALA B 217 -13.59 16.98 16.96
C ALA B 217 -14.53 15.87 16.48
N PHE B 218 -13.97 14.73 16.09
CA PHE B 218 -14.78 13.64 15.54
C PHE B 218 -15.54 12.88 16.62
N GLN B 219 -14.97 12.74 17.80
CA GLN B 219 -15.62 11.99 18.87
C GLN B 219 -16.70 12.79 19.58
N ASP B 220 -17.06 13.96 19.06
CA ASP B 220 -18.12 14.77 19.62
C ASP B 220 -19.37 14.60 18.77
N PRO B 221 -20.39 13.88 19.26
CA PRO B 221 -21.63 13.75 18.47
C PRO B 221 -22.29 15.08 18.16
N THR B 222 -21.94 16.14 18.88
CA THR B 222 -22.44 17.48 18.56
C THR B 222 -21.96 17.91 17.17
N LYS B 223 -20.74 17.55 16.80
CA LYS B 223 -20.11 18.03 15.57
C LYS B 223 -19.97 16.98 14.49
N THR B 224 -19.88 15.70 14.85
CA THR B 224 -19.56 14.65 13.88
C THR B 224 -20.52 13.49 14.02
N THR B 225 -21.04 13.00 12.89
CA THR B 225 -21.88 11.82 12.85
C THR B 225 -21.56 11.05 11.59
N PHE B 226 -21.98 9.79 11.57
CA PHE B 226 -21.70 8.87 10.48
C PHE B 226 -23.00 8.31 9.92
N VAL B 227 -23.11 8.26 8.60
CA VAL B 227 -24.27 7.69 7.91
C VAL B 227 -23.80 6.47 7.13
N CYS B 228 -24.38 5.31 7.44
CA CYS B 228 -24.02 4.05 6.80
C CYS B 228 -25.05 3.73 5.72
N VAL B 229 -24.58 3.57 4.49
CA VAL B 229 -25.44 3.25 3.35
C VAL B 229 -25.24 1.78 3.00
N CYS B 230 -26.35 1.08 2.75
CA CYS B 230 -26.30 -0.34 2.42
C CYS B 230 -27.45 -0.69 1.50
N ILE B 231 -27.47 -1.94 1.05
CA ILE B 231 -28.55 -2.48 0.22
C ILE B 231 -28.95 -3.83 0.80
N PRO B 232 -30.19 -4.27 0.55
CA PRO B 232 -30.64 -5.55 1.12
C PRO B 232 -29.92 -6.76 0.56
N GLU B 233 -28.61 -6.87 0.82
CA GLU B 233 -27.84 -8.06 0.47
C GLU B 233 -26.86 -8.36 1.61
N PHE B 234 -26.33 -9.58 1.59
CA PHE B 234 -25.49 -10.04 2.70
C PHE B 234 -24.23 -9.21 2.83
N LEU B 235 -23.51 -9.00 1.73
CA LEU B 235 -22.22 -8.33 1.79
C LEU B 235 -22.36 -6.90 2.30
N SER B 236 -23.39 -6.19 1.83
CA SER B 236 -23.58 -4.80 2.24
C SER B 236 -23.87 -4.70 3.74
N ILE B 237 -24.74 -5.57 4.25
CA ILE B 237 -25.05 -5.56 5.68
C ILE B 237 -23.84 -5.97 6.50
N TYR B 238 -23.04 -6.91 5.97
CA TYR B 238 -21.84 -7.35 6.69
C TYR B 238 -20.83 -6.21 6.80
N GLU B 239 -20.61 -5.48 5.70
CA GLU B 239 -19.71 -4.33 5.76
C GLU B 239 -20.29 -3.21 6.62
N THR B 240 -21.61 -3.03 6.62
CA THR B 240 -22.23 -2.03 7.48
C THR B 240 -22.02 -2.38 8.95
N GLU B 241 -22.16 -3.65 9.30
CA GLU B 241 -21.91 -4.06 10.69
C GLU B 241 -20.46 -3.88 11.07
N ARG B 242 -19.53 -4.24 10.17
CA ARG B 242 -18.11 -3.96 10.40
C ARG B 242 -17.89 -2.49 10.70
N LEU B 243 -18.45 -1.61 9.85
CA LEU B 243 -18.25 -0.17 10.01
C LEU B 243 -18.84 0.33 11.31
N VAL B 244 -20.04 -0.16 11.67
CA VAL B 244 -20.69 0.27 12.90
C VAL B 244 -19.86 -0.14 14.11
N GLN B 245 -19.36 -1.39 14.11
CA GLN B 245 -18.56 -1.85 15.23
C GLN B 245 -17.25 -1.08 15.34
N GLU B 246 -16.63 -0.76 14.21
CA GLU B 246 -15.39 0.01 14.25
C GLU B 246 -15.63 1.44 14.73
N LEU B 247 -16.73 2.06 14.28
CA LEU B 247 -17.06 3.40 14.76
C LEU B 247 -17.37 3.39 16.26
N SER B 248 -18.00 2.32 16.73
CA SER B 248 -18.26 2.19 18.17
C SER B 248 -16.95 2.07 18.94
N LYS B 249 -16.02 1.25 18.43
CA LYS B 249 -14.72 1.09 19.08
C LYS B 249 -13.99 2.43 19.20
N TYR B 250 -14.01 3.24 18.14
CA TYR B 250 -13.27 4.49 18.11
C TYR B 250 -14.11 5.69 18.54
N GLY B 251 -15.24 5.45 19.21
CA GLY B 251 -16.01 6.53 19.81
C GLY B 251 -16.56 7.54 18.82
N ILE B 252 -16.91 7.10 17.61
CA ILE B 252 -17.52 7.96 16.61
C ILE B 252 -19.00 7.63 16.51
N ASP B 253 -19.84 8.65 16.54
CA ASP B 253 -21.28 8.45 16.61
C ASP B 253 -21.87 8.13 15.24
N SER B 254 -22.75 7.14 15.22
CA SER B 254 -23.54 6.81 14.04
C SER B 254 -24.93 6.39 14.49
N HIS B 255 -25.95 7.00 13.89
CA HIS B 255 -27.34 6.66 14.22
C HIS B 255 -28.24 6.73 13.00
N ASN B 256 -27.70 6.46 11.81
CA ASN B 256 -28.46 6.52 10.58
C ASN B 256 -27.98 5.42 9.64
N ILE B 257 -28.87 4.50 9.32
CA ILE B 257 -28.61 3.44 8.34
C ILE B 257 -29.54 3.67 7.16
N VAL B 258 -28.97 3.77 5.96
CA VAL B 258 -29.73 4.00 4.74
C VAL B 258 -29.69 2.73 3.90
N VAL B 259 -30.83 2.03 3.86
CA VAL B 259 -30.98 0.84 3.03
C VAL B 259 -31.49 1.32 1.67
N ASN B 260 -30.59 1.34 0.69
CA ASN B 260 -30.91 1.89 -0.62
C ASN B 260 -31.38 0.79 -1.58
N GLN B 261 -31.90 1.21 -2.72
CA GLN B 261 -32.32 0.31 -3.81
C GLN B 261 -33.30 -0.75 -3.32
N VAL B 262 -34.22 -0.34 -2.44
CA VAL B 262 -35.24 -1.24 -1.93
C VAL B 262 -36.33 -1.43 -2.98
N LEU B 263 -36.67 -2.68 -3.26
CA LEU B 263 -37.72 -2.99 -4.22
C LEU B 263 -39.08 -2.74 -3.59
N PHE B 264 -39.82 -1.77 -4.13
CA PHE B 264 -41.19 -1.43 -3.72
C PHE B 264 -41.27 -1.25 -2.21
N PRO B 265 -40.79 -0.12 -1.67
CA PRO B 265 -40.77 0.06 -0.22
C PRO B 265 -42.14 0.25 0.41
N GLU B 266 -43.22 0.27 -0.38
CA GLU B 266 -44.56 0.52 0.13
C GLU B 266 -45.35 -0.77 0.34
N LYS B 267 -45.44 -1.64 -0.67
CA LYS B 267 -46.22 -2.85 -0.53
C LYS B 267 -45.43 -3.89 0.25
N ASP B 268 -46.16 -4.79 0.91
CA ASP B 268 -45.55 -5.88 1.64
C ASP B 268 -45.38 -7.09 0.74
N ALA B 269 -44.59 -8.06 1.21
CA ALA B 269 -44.51 -9.32 0.49
C ALA B 269 -45.78 -10.14 0.68
N GLU B 270 -46.54 -9.86 1.74
CA GLU B 270 -47.69 -10.65 2.14
C GLU B 270 -48.93 -10.22 1.36
N GLU B 271 -49.20 -8.92 1.33
CA GLU B 271 -50.35 -8.40 0.58
C GLU B 271 -50.31 -8.89 -0.86
N LEU B 272 -49.21 -8.59 -1.55
CA LEU B 272 -49.09 -8.98 -2.96
C LEU B 272 -48.93 -10.48 -3.12
N SER B 273 -48.30 -11.15 -2.15
CA SER B 273 -48.20 -12.61 -2.22
C SER B 273 -49.59 -13.25 -2.18
N ALA B 274 -50.45 -12.76 -1.29
CA ALA B 274 -51.82 -13.26 -1.22
C ALA B 274 -52.61 -12.93 -2.48
N TRP B 275 -52.47 -11.69 -2.98
CA TRP B 275 -53.17 -11.34 -4.22
C TRP B 275 -52.74 -12.24 -5.37
N TYR B 276 -51.44 -12.50 -5.48
CA TYR B 276 -50.92 -13.37 -6.53
C TYR B 276 -51.39 -14.81 -6.34
N GLU B 277 -51.39 -15.30 -5.11
CA GLU B 277 -51.88 -16.66 -4.87
C GLU B 277 -53.37 -16.77 -5.18
N ALA B 278 -54.10 -15.66 -5.08
CA ALA B 278 -55.51 -15.65 -5.45
C ALA B 278 -55.75 -15.47 -6.94
N ASN B 279 -54.82 -14.86 -7.67
CA ASN B 279 -55.04 -14.59 -9.10
C ASN B 279 -53.88 -15.12 -9.95
N GLY B 280 -53.32 -16.25 -9.55
CA GLY B 280 -52.19 -16.80 -10.31
C GLY B 280 -52.58 -17.32 -11.68
N ALA B 281 -53.64 -18.13 -11.74
CA ALA B 281 -54.02 -18.74 -13.01
C ALA B 281 -54.66 -17.76 -13.98
N THR B 282 -54.90 -16.52 -13.55
CA THR B 282 -55.53 -15.52 -14.40
C THR B 282 -54.51 -14.67 -15.16
N LEU B 283 -53.20 -14.89 -14.92
CA LEU B 283 -52.19 -14.06 -15.56
C LEU B 283 -51.55 -14.79 -16.73
N PRO B 284 -51.16 -14.05 -17.78
CA PRO B 284 -50.34 -14.66 -18.84
C PRO B 284 -49.01 -15.17 -18.28
N LYS B 285 -48.39 -16.05 -19.06
CA LYS B 285 -47.12 -16.65 -18.64
C LYS B 285 -46.09 -15.59 -18.29
N GLU B 286 -46.01 -14.53 -19.10
CA GLU B 286 -44.96 -13.52 -18.94
C GLU B 286 -45.18 -12.69 -17.69
N ALA B 287 -46.39 -12.13 -17.53
CA ALA B 287 -46.69 -11.36 -16.33
C ALA B 287 -46.55 -12.22 -15.08
N ARG B 288 -46.95 -13.49 -15.17
CA ARG B 288 -46.83 -14.38 -14.01
C ARG B 288 -45.37 -14.60 -13.64
N GLU B 289 -44.50 -14.86 -14.63
CA GLU B 289 -43.08 -15.02 -14.33
C GLU B 289 -42.49 -13.75 -13.75
N ILE B 290 -42.86 -12.59 -14.29
CA ILE B 290 -42.29 -11.34 -13.79
C ILE B 290 -42.74 -11.09 -12.35
N CYS B 291 -44.02 -11.36 -12.06
CA CYS B 291 -44.50 -11.20 -10.69
C CYS B 291 -43.81 -12.16 -9.74
N SER B 292 -43.56 -13.39 -10.19
CA SER B 292 -42.90 -14.36 -9.31
C SER B 292 -41.46 -13.96 -9.01
N LYS B 293 -40.71 -13.55 -10.04
CA LYS B 293 -39.34 -13.10 -9.83
C LYS B 293 -39.30 -11.88 -8.92
N LEU B 294 -40.21 -10.92 -9.15
CA LEU B 294 -40.24 -9.72 -8.33
C LEU B 294 -40.57 -10.06 -6.88
N LEU B 295 -41.53 -10.96 -6.67
CA LEU B 295 -41.91 -11.36 -5.32
C LEU B 295 -40.78 -12.09 -4.61
N ALA B 296 -40.02 -12.93 -5.34
CA ALA B 296 -38.90 -13.62 -4.72
C ALA B 296 -37.81 -12.64 -4.30
N ARG B 297 -37.45 -11.71 -5.18
CA ARG B 297 -36.48 -10.69 -4.81
C ARG B 297 -36.98 -9.84 -3.65
N LYS B 298 -38.29 -9.56 -3.62
CA LYS B 298 -38.85 -8.78 -2.53
C LYS B 298 -38.77 -9.54 -1.22
N ARG B 299 -39.01 -10.86 -1.24
CA ARG B 299 -38.88 -11.66 -0.03
C ARG B 299 -37.44 -11.65 0.48
N MET B 300 -36.47 -11.81 -0.42
CA MET B 300 -35.08 -11.79 0.00
C MET B 300 -34.71 -10.43 0.61
N GLN B 301 -35.12 -9.35 -0.06
CA GLN B 301 -34.85 -8.02 0.47
C GLN B 301 -35.53 -7.81 1.81
N ASP B 302 -36.73 -8.37 1.99
CA ASP B 302 -37.44 -8.24 3.26
C ASP B 302 -36.73 -9.01 4.36
N LYS B 303 -36.19 -10.18 4.05
CA LYS B 303 -35.38 -10.92 5.01
C LYS B 303 -34.19 -10.08 5.46
N TYR B 304 -33.49 -9.47 4.50
CA TYR B 304 -32.31 -8.68 4.88
C TYR B 304 -32.69 -7.39 5.61
N ILE B 305 -33.85 -6.81 5.30
CA ILE B 305 -34.30 -5.62 6.02
C ILE B 305 -34.71 -5.99 7.44
N GLY B 306 -35.31 -7.17 7.63
CA GLY B 306 -35.59 -7.65 8.97
C GLY B 306 -34.31 -7.89 9.76
N GLN B 307 -33.28 -8.42 9.09
CA GLN B 307 -31.98 -8.56 9.76
C GLN B 307 -31.44 -7.19 10.18
N CYS B 308 -31.56 -6.19 9.30
CA CYS B 308 -31.15 -4.83 9.64
C CYS B 308 -31.89 -4.32 10.87
N PHE B 309 -33.22 -4.50 10.88
CA PHE B 309 -34.03 -4.05 12.01
C PHE B 309 -33.72 -4.84 13.28
N ASP B 310 -33.20 -6.06 13.15
CA ASP B 310 -32.73 -6.79 14.32
C ASP B 310 -31.42 -6.18 14.85
N LEU B 311 -30.46 -5.95 13.96
CA LEU B 311 -29.18 -5.37 14.38
C LEU B 311 -29.37 -3.94 14.87
N TYR B 312 -30.19 -3.15 14.18
CA TYR B 312 -30.35 -1.74 14.51
C TYR B 312 -31.81 -1.41 14.79
N GLY B 313 -32.23 -0.20 14.45
CA GLY B 313 -33.61 0.21 14.68
C GLY B 313 -33.85 0.71 16.08
N ASP B 314 -33.30 0.00 17.08
CA ASP B 314 -33.38 0.47 18.45
C ASP B 314 -32.66 1.80 18.63
N ASP B 315 -31.49 1.94 18.00
CA ASP B 315 -30.67 3.13 18.15
C ASP B 315 -30.37 3.82 16.82
N PHE B 316 -30.90 3.33 15.70
CA PHE B 316 -30.57 3.85 14.38
C PHE B 316 -31.84 4.23 13.63
N HIS B 317 -31.77 5.35 12.91
CA HIS B 317 -32.82 5.72 11.97
C HIS B 317 -32.62 4.93 10.68
N VAL B 318 -33.56 4.06 10.36
CA VAL B 318 -33.47 3.18 9.19
C VAL B 318 -34.28 3.81 8.07
N VAL B 319 -33.60 4.31 7.04
CA VAL B 319 -34.22 5.01 5.92
C VAL B 319 -34.21 4.09 4.72
N LEU B 320 -35.39 3.73 4.23
CA LEU B 320 -35.55 2.86 3.08
C LEU B 320 -35.71 3.71 1.82
N MET B 321 -34.90 3.42 0.81
CA MET B 321 -34.95 4.18 -0.44
C MET B 321 -35.34 3.27 -1.60
N PRO B 322 -36.24 3.71 -2.47
CA PRO B 322 -36.73 2.84 -3.54
C PRO B 322 -35.72 2.72 -4.69
N LEU B 323 -35.67 1.52 -5.27
CA LEU B 323 -34.85 1.30 -6.45
C LEU B 323 -35.49 1.96 -7.66
N LEU B 324 -34.71 2.77 -8.37
CA LEU B 324 -35.20 3.51 -9.52
C LEU B 324 -34.61 2.95 -10.81
N ASP B 325 -35.33 3.18 -11.91
CA ASP B 325 -34.89 2.69 -13.21
C ASP B 325 -33.72 3.52 -13.75
N TYR B 326 -33.74 4.82 -13.51
CA TYR B 326 -32.73 5.73 -14.01
C TYR B 326 -31.67 5.99 -12.96
N GLU B 327 -30.47 6.32 -13.42
CA GLU B 327 -29.41 6.74 -12.51
C GLU B 327 -29.73 8.12 -11.94
N VAL B 328 -29.53 8.28 -10.65
CA VAL B 328 -29.85 9.54 -9.97
C VAL B 328 -28.72 10.52 -10.23
N ARG B 329 -28.61 10.99 -11.47
CA ARG B 329 -27.62 11.99 -11.85
C ARG B 329 -28.31 13.29 -12.26
N GLY B 330 -27.55 14.37 -12.25
CA GLY B 330 -28.09 15.68 -12.54
C GLY B 330 -28.60 16.37 -11.29
N VAL B 331 -28.57 17.71 -11.33
CA VAL B 331 -28.87 18.48 -10.13
C VAL B 331 -30.35 18.36 -9.76
N GLU B 332 -31.24 18.39 -10.75
CA GLU B 332 -32.67 18.39 -10.47
C GLU B 332 -33.12 17.02 -9.93
N LYS B 333 -32.65 15.94 -10.55
CA LYS B 333 -32.96 14.61 -10.07
C LYS B 333 -32.44 14.39 -8.65
N LEU B 334 -31.23 14.88 -8.37
CA LEU B 334 -30.70 14.78 -7.01
C LEU B 334 -31.54 15.58 -6.02
N LYS B 335 -31.98 16.77 -6.42
CA LYS B 335 -32.82 17.58 -5.55
C LYS B 335 -34.14 16.87 -5.26
N THR B 336 -34.71 16.20 -6.26
CA THR B 336 -35.97 15.48 -6.05
C THR B 336 -35.77 14.23 -5.19
N PHE B 337 -34.63 13.55 -5.36
CA PHE B 337 -34.35 12.35 -4.58
C PHE B 337 -34.02 12.68 -3.12
N SER B 338 -33.42 13.84 -2.88
CA SER B 338 -33.15 14.27 -1.51
C SER B 338 -34.43 14.43 -0.71
N GLU B 339 -35.51 14.87 -1.36
CA GLU B 339 -36.79 14.97 -0.66
C GLU B 339 -37.31 13.59 -0.26
N LEU B 340 -37.13 12.59 -1.11
CA LEU B 340 -37.43 11.22 -0.70
C LEU B 340 -36.51 10.73 0.39
N LEU B 341 -35.32 11.35 0.51
CA LEU B 341 -34.37 10.93 1.53
C LEU B 341 -34.71 11.50 2.90
N VAL B 342 -35.11 12.78 2.97
CA VAL B 342 -35.26 13.44 4.26
C VAL B 342 -36.68 13.40 4.83
N ASP B 343 -37.71 13.22 4.00
CA ASP B 343 -39.07 13.04 4.49
C ASP B 343 -39.82 12.12 3.52
N PRO B 344 -39.97 10.85 3.86
CA PRO B 344 -40.57 9.89 2.93
C PRO B 344 -42.09 10.06 2.88
N VAL B 345 -42.72 9.23 2.06
CA VAL B 345 -44.17 9.27 1.90
C VAL B 345 -44.86 8.66 3.11
#